data_6S3N
#
_entry.id   6S3N
#
_cell.length_a   88.093
_cell.length_b   102.955
_cell.length_c   249.697
_cell.angle_alpha   90.00
_cell.angle_beta   90.00
_cell.angle_gamma   90.00
#
_symmetry.space_group_name_H-M   'C 2 2 21'
#
loop_
_entity.id
_entity.type
_entity.pdbx_description
1 polymer 'PIF1 helicase'
2 polymer "DNA (5'-D(P*TP*TP*TP*TP*TP*T)-3')"
3 polymer "DNA (5'-D(P*TP*TP*TP*TP*TP*T)-3')"
4 non-polymer "ADENOSINE-5'-DIPHOSPHATE"
5 non-polymer 'MAGNESIUM ION'
6 non-polymer 'VANADATE ION'
7 water water
#
loop_
_entity_poly.entity_id
_entity_poly.type
_entity_poly.pdbx_seq_one_letter_code
_entity_poly.pdbx_strand_id
1 'polypeptide(L)'
;TPEGLSSEQQRAFLAVTQTPHPAHLITGPAGTGKTTLLYALQEFYKGRAVTLAPTGTAALQARGQTVHSFFRFPARLLRY
RHPEDIRPPGPHSPLRKAIEQMEVLILDEVGMVRVDLLEAMDWALRKTRKRLEEPFGGVKVLLLGDTRQLEPVVPGGEEA
LYIARTWGGPFFFQAHVWEEVALRVHRLWESQRQREDPLFAELLKRLRQGDPQALETLNRAAVRPDGGEEPGTLILTPRR
KEADALNLKRLEALPGKPLEYQAQVKGEFAETDFPTEAALTLKKGAQVILLRNDPLGEYFNGDLGWVEDLEAEALAVRLK
RNGRRVVIRPFVWEKIVYTYDSEREEIKPQVVGTFRQVPVRLAWALTVHKAQGLTLDKVHLELGRGLFAHGQLYVALTRV
RRLQDLSLSRPIAPTELLWRPEVEVFETRIQEGIWQKSHGWPSL
;
A,B
2 'polydeoxyribonucleotide' (DT)(DT)(DT)(DT)(DT)(DT)(DT)(DT)(DT)(DT)(DT)(DT)(DT)(DT)(DT)(DT)(DT)(DT) C
3 'polydeoxyribonucleotide' (DT)(DT)(DT)(DT)(DT)(DT)(DT)(DT)(DT)(DT)(DT)(DT)(DT)(DT)(DT)(DT)(DT)(DG) D
#
loop_
_chem_comp.id
_chem_comp.type
_chem_comp.name
_chem_comp.formula
ADP non-polymer ADENOSINE-5'-DIPHOSPHATE 'C10 H15 N5 O10 P2'
DG DNA linking 2'-DEOXYGUANOSINE-5'-MONOPHOSPHATE 'C10 H14 N5 O7 P'
DT DNA linking THYMIDINE-5'-MONOPHOSPHATE 'C10 H15 N2 O8 P'
MG non-polymer 'MAGNESIUM ION' 'Mg 2'
VO4 non-polymer 'VANADATE ION' 'O4 V -3'
#
# COMPACT_ATOMS: atom_id res chain seq x y z
N GLY A 4 15.10 31.23 -18.85
CA GLY A 4 16.52 31.08 -19.06
C GLY A 4 17.32 31.16 -17.76
N LEU A 5 18.42 30.41 -17.71
CA LEU A 5 19.26 30.39 -16.52
C LEU A 5 20.05 31.70 -16.39
N SER A 6 20.59 31.90 -15.18
CA SER A 6 21.50 32.99 -14.93
C SER A 6 22.88 32.66 -15.51
N SER A 7 23.83 33.56 -15.28
CA SER A 7 25.19 33.34 -15.78
C SER A 7 25.88 32.21 -15.02
N GLU A 8 25.89 32.30 -13.69
CA GLU A 8 26.57 31.27 -12.92
C GLU A 8 25.84 29.93 -13.00
N GLN A 9 24.54 29.95 -13.25
CA GLN A 9 23.80 28.72 -13.47
C GLN A 9 24.23 28.04 -14.76
N GLN A 10 24.49 28.83 -15.81
CA GLN A 10 24.93 28.26 -17.08
C GLN A 10 26.34 27.69 -16.97
N ARG A 11 27.22 28.37 -16.23
CA ARG A 11 28.56 27.82 -16.02
C ARG A 11 28.49 26.45 -15.32
N ALA A 12 27.60 26.32 -14.35
CA ALA A 12 27.44 25.03 -13.67
C ALA A 12 26.78 24.01 -14.60
N PHE A 13 25.85 24.44 -15.45
CA PHE A 13 25.24 23.54 -16.41
C PHE A 13 26.29 22.93 -17.34
N LEU A 14 27.17 23.77 -17.88
CA LEU A 14 28.18 23.27 -18.83
C LEU A 14 29.25 22.46 -18.12
N ALA A 15 29.70 22.92 -16.95
CA ALA A 15 30.74 22.24 -16.21
C ALA A 15 30.32 20.84 -15.77
N VAL A 16 29.04 20.52 -15.85
CA VAL A 16 28.51 19.25 -15.41
C VAL A 16 28.19 18.32 -16.59
N THR A 17 27.70 18.91 -17.68
CA THR A 17 27.24 18.14 -18.83
C THR A 17 28.30 17.96 -19.91
N GLN A 18 29.38 18.74 -19.87
CA GLN A 18 30.42 18.67 -20.88
C GLN A 18 31.63 17.85 -20.46
N THR A 19 31.58 17.22 -19.28
CA THR A 19 32.72 16.47 -18.79
C THR A 19 32.33 15.03 -18.49
N PRO A 20 33.21 14.08 -18.76
CA PRO A 20 32.92 12.67 -18.42
C PRO A 20 32.99 12.36 -16.95
N HIS A 21 33.46 13.30 -16.12
CA HIS A 21 33.64 13.05 -14.70
C HIS A 21 32.33 12.56 -14.08
N PRO A 22 32.36 11.52 -13.25
CA PRO A 22 31.12 10.86 -12.81
C PRO A 22 30.49 11.39 -11.53
N ALA A 23 31.09 12.35 -10.83
CA ALA A 23 30.55 12.81 -9.55
C ALA A 23 30.71 14.32 -9.44
N HIS A 24 29.58 15.02 -9.35
CA HIS A 24 29.54 16.47 -9.24
C HIS A 24 28.62 16.90 -8.11
N LEU A 25 28.98 18.00 -7.46
CA LEU A 25 28.14 18.63 -6.44
C LEU A 25 27.95 20.09 -6.80
N ILE A 26 26.69 20.50 -6.91
CA ILE A 26 26.33 21.90 -7.13
C ILE A 26 25.75 22.42 -5.81
N THR A 27 26.46 23.35 -5.17
CA THR A 27 26.08 23.80 -3.85
C THR A 27 26.09 25.32 -3.78
N GLY A 28 25.29 25.86 -2.85
CA GLY A 28 25.17 27.27 -2.66
C GLY A 28 24.03 27.59 -1.70
N PRO A 29 23.92 28.86 -1.30
CA PRO A 29 22.89 29.24 -0.34
C PRO A 29 21.48 28.98 -0.86
N ALA A 30 20.54 28.96 0.08
CA ALA A 30 19.13 28.75 -0.24
C ALA A 30 18.64 29.80 -1.24
N GLY A 31 17.93 29.34 -2.26
CA GLY A 31 17.37 30.22 -3.26
C GLY A 31 18.31 30.67 -4.35
N THR A 32 19.50 30.08 -4.46
CA THR A 32 20.41 30.41 -5.55
C THR A 32 20.03 29.78 -6.88
N GLY A 33 18.97 28.98 -6.93
CA GLY A 33 18.53 28.40 -8.18
C GLY A 33 19.04 27.01 -8.46
N LYS A 34 19.30 26.21 -7.42
CA LYS A 34 19.87 24.88 -7.64
C LYS A 34 18.84 23.93 -8.25
N THR A 35 17.64 23.87 -7.68
CA THR A 35 16.62 23.01 -8.26
C THR A 35 16.13 23.55 -9.60
N THR A 36 16.22 24.87 -9.81
CA THR A 36 15.83 25.42 -11.10
C THR A 36 16.83 25.04 -12.19
N LEU A 37 18.12 24.99 -11.83
CA LEU A 37 19.11 24.44 -12.75
C LEU A 37 18.92 22.93 -12.90
N LEU A 38 18.37 22.28 -11.87
CA LEU A 38 18.03 20.87 -11.97
C LEU A 38 16.97 20.62 -13.02
N TYR A 39 16.03 21.57 -13.18
CA TYR A 39 15.03 21.44 -14.23
C TYR A 39 15.68 21.47 -15.61
N ALA A 40 16.70 22.32 -15.79
CA ALA A 40 17.43 22.37 -17.05
C ALA A 40 18.19 21.07 -17.28
N LEU A 41 18.71 20.46 -16.21
CA LEU A 41 19.40 19.19 -16.34
C LEU A 41 18.45 18.07 -16.71
N GLN A 42 17.21 18.13 -16.23
CA GLN A 42 16.21 17.13 -16.61
C GLN A 42 15.80 17.26 -18.07
N GLU A 43 15.80 18.49 -18.62
CA GLU A 43 15.44 18.62 -20.03
C GLU A 43 16.58 18.18 -20.94
N PHE A 44 17.83 18.39 -20.50
CA PHE A 44 18.97 17.97 -21.29
C PHE A 44 19.11 16.45 -21.34
N TYR A 45 18.77 15.76 -20.24
CA TYR A 45 19.02 14.34 -20.04
C TYR A 45 17.80 13.44 -20.20
N LYS A 46 16.62 13.98 -20.54
CA LYS A 46 15.36 13.55 -19.94
C LYS A 46 15.18 12.04 -19.76
N GLY A 47 15.28 11.25 -20.82
CA GLY A 47 15.05 9.82 -20.64
C GLY A 47 16.16 9.11 -19.91
N ARG A 48 17.38 9.62 -20.02
CA ARG A 48 18.56 8.96 -19.47
C ARG A 48 18.78 9.20 -17.98
N ALA A 49 18.04 10.12 -17.37
CA ALA A 49 18.30 10.55 -16.01
C ALA A 49 17.17 10.17 -15.08
N VAL A 50 17.53 9.77 -13.86
CA VAL A 50 16.60 9.56 -12.76
C VAL A 50 16.91 10.61 -11.71
N THR A 51 15.86 11.24 -11.17
CA THR A 51 16.00 12.35 -10.24
C THR A 51 15.38 11.98 -8.90
N LEU A 52 16.14 12.11 -7.83
CA LEU A 52 15.70 11.72 -6.50
C LEU A 52 16.00 12.82 -5.48
N ALA A 53 15.29 12.74 -4.35
CA ALA A 53 15.48 13.64 -3.22
C ALA A 53 15.20 12.86 -1.94
N PRO A 54 15.81 13.24 -0.81
CA PRO A 54 15.62 12.46 0.43
C PRO A 54 14.21 12.58 1.03
N THR A 55 13.49 13.67 0.82
CA THR A 55 12.17 13.84 1.40
C THR A 55 11.11 13.93 0.32
N GLY A 56 9.86 13.69 0.74
CA GLY A 56 8.75 13.76 -0.21
C GLY A 56 8.55 15.14 -0.78
N THR A 57 8.54 16.16 0.08
CA THR A 57 8.36 17.53 -0.38
C THR A 57 9.47 17.95 -1.34
N ALA A 58 10.72 17.63 -0.99
CA ALA A 58 11.83 17.94 -1.88
C ALA A 58 11.74 17.13 -3.18
N ALA A 59 11.28 15.88 -3.09
CA ALA A 59 11.13 15.06 -4.29
C ALA A 59 10.11 15.66 -5.24
N LEU A 60 8.98 16.13 -4.71
CA LEU A 60 7.97 16.76 -5.56
C LEU A 60 8.48 18.10 -6.09
N GLN A 61 9.22 18.84 -5.27
CA GLN A 61 9.81 20.10 -5.74
C GLN A 61 10.81 19.87 -6.85
N ALA A 62 11.52 18.74 -6.81
CA ALA A 62 12.46 18.37 -7.88
C ALA A 62 11.79 17.57 -8.98
N ARG A 63 10.48 17.36 -8.91
CA ARG A 63 9.72 16.61 -9.91
C ARG A 63 10.32 15.22 -10.13
N GLY A 64 10.79 14.60 -9.05
CA GLY A 64 11.23 13.22 -9.04
C GLY A 64 10.50 12.46 -7.95
N GLN A 65 11.18 11.45 -7.41
CA GLN A 65 10.65 10.66 -6.30
C GLN A 65 11.67 10.59 -5.20
N THR A 66 11.27 10.02 -4.06
CA THR A 66 12.21 9.84 -2.97
C THR A 66 13.18 8.70 -3.29
N VAL A 67 14.37 8.77 -2.70
CA VAL A 67 15.37 7.72 -2.91
C VAL A 67 14.83 6.38 -2.43
N HIS A 68 14.21 6.38 -1.24
CA HIS A 68 13.61 5.15 -0.71
C HIS A 68 12.61 4.55 -1.68
N SER A 69 11.75 5.38 -2.28
CA SER A 69 10.71 4.86 -3.15
C SER A 69 11.27 4.30 -4.46
N PHE A 70 12.38 4.84 -4.95
CA PHE A 70 12.94 4.36 -6.21
C PHE A 70 13.60 3.00 -6.03
N PHE A 71 14.54 2.89 -5.09
CA PHE A 71 15.28 1.67 -4.84
C PHE A 71 14.52 0.67 -3.98
N ARG A 72 13.33 1.03 -3.50
CA ARG A 72 12.54 0.20 -2.60
C ARG A 72 13.31 -0.10 -1.31
N PHE A 73 14.06 0.90 -0.85
CA PHE A 73 14.76 0.79 0.42
C PHE A 73 13.77 0.74 1.57
N PRO A 74 14.01 -0.08 2.59
CA PRO A 74 13.16 -0.04 3.77
C PRO A 74 13.42 1.22 4.59
N ALA A 75 12.39 1.65 5.32
CA ALA A 75 12.48 2.88 6.12
C ALA A 75 13.15 2.61 7.46
N ARG A 76 14.41 2.20 7.40
CA ARG A 76 15.20 1.94 8.58
C ARG A 76 16.68 2.10 8.21
N LEU A 77 17.55 1.92 9.21
CA LEU A 77 18.98 2.04 8.97
C LEU A 77 19.44 1.03 7.92
N LEU A 78 20.16 1.51 6.92
CA LEU A 78 20.70 0.66 5.87
C LEU A 78 22.16 0.39 6.21
N ARG A 79 22.41 -0.76 6.83
CA ARG A 79 23.76 -1.13 7.21
C ARG A 79 24.66 -1.24 5.98
N TYR A 80 25.94 -0.94 6.16
CA TYR A 80 26.89 -0.86 5.07
C TYR A 80 26.91 -2.15 4.26
N ARG A 81 26.52 -2.05 2.98
CA ARG A 81 26.55 -3.17 2.04
C ARG A 81 25.84 -4.40 2.58
N HIS A 82 24.81 -4.19 3.40
CA HIS A 82 24.15 -5.33 4.03
C HIS A 82 23.09 -5.92 3.11
N PRO A 83 23.14 -7.23 2.86
CA PRO A 83 22.14 -7.85 1.97
C PRO A 83 20.72 -7.80 2.51
N GLU A 84 20.55 -7.76 3.83
CA GLU A 84 19.21 -7.73 4.40
C GLU A 84 18.51 -6.40 4.16
N ASP A 85 19.27 -5.33 3.92
CA ASP A 85 18.71 -4.00 3.70
C ASP A 85 18.79 -3.55 2.24
N ILE A 86 19.90 -3.84 1.56
CA ILE A 86 20.07 -3.49 0.17
C ILE A 86 19.85 -4.76 -0.65
N ARG A 87 18.63 -4.91 -1.17
CA ARG A 87 18.27 -6.07 -1.97
C ARG A 87 18.11 -5.64 -3.41
N PRO A 88 18.85 -6.20 -4.35
CA PRO A 88 18.72 -5.80 -5.76
C PRO A 88 17.35 -6.17 -6.30
N PRO A 89 16.89 -5.48 -7.33
CA PRO A 89 15.56 -5.75 -7.88
C PRO A 89 15.50 -7.14 -8.52
N GLY A 90 14.27 -7.55 -8.83
CA GLY A 90 14.01 -8.86 -9.38
C GLY A 90 14.61 -9.06 -10.75
N PRO A 91 14.64 -10.32 -11.22
CA PRO A 91 15.26 -10.61 -12.51
C PRO A 91 14.54 -9.94 -13.68
N HIS A 92 13.23 -9.73 -13.58
CA HIS A 92 12.42 -9.14 -14.64
C HIS A 92 11.57 -8.01 -14.09
N SER A 93 12.15 -7.17 -13.28
CA SER A 93 11.40 -6.11 -12.63
C SER A 93 11.66 -4.77 -13.33
N PRO A 94 10.66 -3.88 -13.33
CA PRO A 94 10.86 -2.56 -13.95
C PRO A 94 11.97 -1.77 -13.29
N LEU A 95 12.24 -2.00 -12.00
CA LEU A 95 13.34 -1.30 -11.34
C LEU A 95 14.68 -1.70 -11.94
N ARG A 96 14.90 -3.00 -12.14
CA ARG A 96 16.18 -3.47 -12.63
C ARG A 96 16.50 -2.90 -14.01
N LYS A 97 15.50 -2.86 -14.91
CA LYS A 97 15.71 -2.26 -16.22
C LYS A 97 15.96 -0.77 -16.10
N ALA A 98 15.26 -0.11 -15.19
CA ALA A 98 15.50 1.31 -14.93
C ALA A 98 16.94 1.55 -14.51
N ILE A 99 17.40 0.82 -13.48
CA ILE A 99 18.77 0.97 -13.01
C ILE A 99 19.75 0.60 -14.12
N GLU A 100 19.44 -0.43 -14.91
CA GLU A 100 20.37 -0.87 -15.95
C GLU A 100 20.43 0.12 -17.11
N GLN A 101 19.28 0.69 -17.49
CA GLN A 101 19.23 1.66 -18.58
C GLN A 101 19.68 3.06 -18.15
N MET A 102 19.65 3.35 -16.84
CA MET A 102 19.94 4.70 -16.37
C MET A 102 21.39 5.08 -16.64
N GLU A 103 21.59 6.34 -17.03
CA GLU A 103 22.92 6.90 -17.27
C GLU A 103 23.32 7.98 -16.28
N VAL A 104 22.37 8.72 -15.72
CA VAL A 104 22.67 9.84 -14.81
C VAL A 104 21.68 9.82 -13.66
N LEU A 105 22.19 9.95 -12.44
CA LEU A 105 21.36 10.06 -11.24
C LEU A 105 21.50 11.47 -10.70
N ILE A 106 20.40 12.22 -10.66
CA ILE A 106 20.39 13.55 -10.08
C ILE A 106 19.79 13.47 -8.69
N LEU A 107 20.48 14.06 -7.70
CA LEU A 107 20.07 13.99 -6.31
C LEU A 107 20.00 15.41 -5.76
N ASP A 108 18.78 15.95 -5.62
CA ASP A 108 18.59 17.26 -5.04
C ASP A 108 18.57 17.16 -3.51
N GLU A 109 18.82 18.30 -2.87
CA GLU A 109 18.82 18.43 -1.41
C GLU A 109 19.67 17.35 -0.75
N VAL A 110 20.89 17.18 -1.28
CA VAL A 110 21.80 16.17 -0.78
C VAL A 110 22.26 16.43 0.65
N GLY A 111 22.02 17.63 1.18
CA GLY A 111 22.38 17.91 2.56
C GLY A 111 21.56 17.11 3.56
N MET A 112 20.33 16.76 3.21
CA MET A 112 19.47 15.98 4.08
C MET A 112 19.59 14.48 3.85
N VAL A 113 20.52 14.05 2.98
CA VAL A 113 20.72 12.64 2.67
C VAL A 113 21.71 12.07 3.69
N ARG A 114 21.24 11.15 4.52
CA ARG A 114 22.12 10.54 5.52
C ARG A 114 23.12 9.62 4.84
N VAL A 115 24.26 9.42 5.52
CA VAL A 115 25.39 8.72 4.91
C VAL A 115 25.01 7.29 4.52
N ASP A 116 24.18 6.62 5.33
CA ASP A 116 23.82 5.24 5.03
C ASP A 116 22.91 5.17 3.81
N LEU A 117 22.08 6.18 3.59
CA LEU A 117 21.26 6.23 2.39
C LEU A 117 22.12 6.36 1.14
N LEU A 118 23.17 7.19 1.20
CA LEU A 118 24.02 7.40 0.03
C LEU A 118 24.86 6.17 -0.27
N GLU A 119 25.39 5.52 0.76
CA GLU A 119 26.16 4.31 0.55
C GLU A 119 25.30 3.18 0.01
N ALA A 120 24.03 3.13 0.41
CA ALA A 120 23.14 2.09 -0.10
C ALA A 120 22.83 2.31 -1.59
N MET A 121 22.70 3.57 -2.00
CA MET A 121 22.54 3.84 -3.44
C MET A 121 23.78 3.40 -4.19
N ASP A 122 24.96 3.69 -3.65
CA ASP A 122 26.21 3.24 -4.25
C ASP A 122 26.19 1.73 -4.43
N TRP A 123 25.91 0.99 -3.36
CA TRP A 123 25.92 -0.47 -3.42
C TRP A 123 24.81 -1.00 -4.31
N ALA A 124 23.60 -0.44 -4.20
CA ALA A 124 22.49 -0.91 -5.02
C ALA A 124 22.76 -0.74 -6.51
N LEU A 125 23.39 0.38 -6.88
CA LEU A 125 23.73 0.59 -8.29
C LEU A 125 24.82 -0.37 -8.73
N ARG A 126 25.85 -0.56 -7.88
CA ARG A 126 26.92 -1.49 -8.21
C ARG A 126 26.38 -2.90 -8.41
N LYS A 127 25.52 -3.36 -7.49
CA LYS A 127 25.07 -4.74 -7.52
C LYS A 127 24.12 -5.00 -8.69
N THR A 128 23.20 -4.07 -8.96
CA THR A 128 22.22 -4.29 -10.02
C THR A 128 22.85 -4.24 -11.40
N ARG A 129 23.80 -3.33 -11.60
CA ARG A 129 24.49 -3.20 -12.88
C ARG A 129 25.64 -4.19 -13.01
N LYS A 130 25.84 -5.06 -12.02
CA LYS A 130 26.88 -6.10 -12.03
C LYS A 130 28.26 -5.49 -12.25
N ARG A 131 28.47 -4.29 -11.70
CA ARG A 131 29.78 -3.63 -11.74
C ARG A 131 30.12 -3.23 -10.31
N LEU A 132 30.74 -4.16 -9.58
CA LEU A 132 31.25 -3.86 -8.25
C LEU A 132 32.49 -2.98 -8.30
N GLU A 133 33.11 -2.90 -9.48
CA GLU A 133 34.36 -2.17 -9.63
C GLU A 133 34.15 -0.67 -9.57
N GLU A 134 32.99 -0.18 -10.02
CA GLU A 134 32.86 1.25 -10.22
C GLU A 134 31.86 1.89 -9.26
N PRO A 135 32.20 3.04 -8.69
CA PRO A 135 31.29 3.72 -7.77
C PRO A 135 30.00 4.12 -8.46
N PHE A 136 28.88 3.86 -7.77
CA PHE A 136 27.53 4.03 -8.31
C PHE A 136 27.31 3.21 -9.57
N GLY A 137 28.07 2.13 -9.74
CA GLY A 137 27.90 1.23 -10.86
C GLY A 137 28.07 1.86 -12.22
N GLY A 138 28.88 2.91 -12.33
CA GLY A 138 29.07 3.61 -13.58
C GLY A 138 28.12 4.76 -13.83
N VAL A 139 27.07 4.90 -13.01
CA VAL A 139 26.14 6.00 -13.16
C VAL A 139 26.81 7.30 -12.77
N LYS A 140 26.61 8.34 -13.60
CA LYS A 140 27.08 9.68 -13.28
C LYS A 140 26.10 10.33 -12.32
N VAL A 141 26.58 10.79 -11.17
CA VAL A 141 25.73 11.35 -10.12
C VAL A 141 25.93 12.86 -10.05
N LEU A 142 24.83 13.59 -10.12
CA LEU A 142 24.82 15.04 -9.99
C LEU A 142 24.14 15.38 -8.67
N LEU A 143 24.91 15.89 -7.71
CA LEU A 143 24.44 16.20 -6.37
C LEU A 143 24.18 17.70 -6.24
N LEU A 144 23.07 18.05 -5.58
CA LEU A 144 22.72 19.44 -5.33
C LEU A 144 22.19 19.58 -3.91
N GLY A 145 22.63 20.64 -3.23
CA GLY A 145 22.16 20.87 -1.88
C GLY A 145 22.99 21.92 -1.18
N ASP A 146 22.78 21.99 0.14
CA ASP A 146 23.45 22.98 0.99
C ASP A 146 23.68 22.35 2.35
N THR A 147 24.95 22.19 2.75
CA THR A 147 25.24 21.61 4.06
C THR A 147 24.99 22.57 5.21
N ARG A 148 24.68 23.84 4.93
CA ARG A 148 24.28 24.78 5.98
C ARG A 148 22.81 24.66 6.31
N GLN A 149 22.03 23.98 5.49
CA GLN A 149 20.63 23.71 5.72
C GLN A 149 20.52 22.43 6.55
N LEU A 150 19.30 21.89 6.70
CA LEU A 150 19.04 20.87 7.71
C LEU A 150 19.96 19.66 7.57
N GLU A 151 20.55 19.26 8.70
CA GLU A 151 21.37 18.07 8.80
C GLU A 151 20.50 16.84 8.66
N PRO A 152 21.09 15.66 8.44
CA PRO A 152 20.28 14.45 8.33
C PRO A 152 19.66 14.05 9.66
N VAL A 153 18.52 13.36 9.57
CA VAL A 153 17.78 12.89 10.73
C VAL A 153 18.44 11.65 11.28
N VAL A 154 18.77 11.67 12.57
CA VAL A 154 19.46 10.54 13.21
C VAL A 154 18.81 10.25 14.56
N PRO A 155 17.85 9.33 14.63
CA PRO A 155 17.31 8.93 15.94
C PRO A 155 18.41 8.35 16.82
N GLY A 156 18.17 8.39 18.13
CA GLY A 156 19.25 8.24 19.09
C GLY A 156 19.52 6.87 19.65
N GLY A 157 18.93 5.81 19.11
CA GLY A 157 19.24 4.47 19.60
C GLY A 157 20.62 3.99 19.19
N GLU A 158 20.80 2.67 19.13
CA GLU A 158 22.05 2.13 18.61
C GLU A 158 22.22 2.47 17.14
N GLU A 159 21.14 2.89 16.47
CA GLU A 159 21.23 3.43 15.13
C GLU A 159 22.25 4.56 15.06
N ALA A 160 22.28 5.42 16.08
CA ALA A 160 23.25 6.51 16.10
C ALA A 160 24.66 5.99 16.36
N LEU A 161 24.79 4.99 17.24
CA LEU A 161 26.11 4.44 17.55
C LEU A 161 26.69 3.73 16.33
N TYR A 162 25.86 3.04 15.55
CA TYR A 162 26.32 2.35 14.36
C TYR A 162 26.86 3.33 13.32
N ILE A 163 26.08 4.36 13.00
CA ILE A 163 26.50 5.38 12.04
C ILE A 163 27.84 5.98 12.46
N ALA A 164 27.98 6.28 13.75
CA ALA A 164 29.25 6.82 14.25
C ALA A 164 30.38 5.82 14.07
N ARG A 165 30.13 4.55 14.38
CA ARG A 165 31.17 3.52 14.25
C ARG A 165 31.54 3.29 12.80
N THR A 166 30.54 3.24 11.91
CA THR A 166 30.79 2.84 10.53
C THR A 166 31.39 3.97 9.70
N TRP A 167 30.84 5.19 9.83
CA TRP A 167 31.29 6.30 9.01
C TRP A 167 31.87 7.47 9.81
N GLY A 168 31.66 7.53 11.11
CA GLY A 168 32.14 8.64 11.91
C GLY A 168 31.22 9.84 11.92
N GLY A 169 30.10 9.80 11.22
CA GLY A 169 29.16 10.89 11.16
C GLY A 169 28.03 10.57 10.22
N PRO A 170 26.93 11.34 10.30
CA PRO A 170 25.76 11.06 9.46
C PRO A 170 25.71 11.78 8.12
N PHE A 171 26.70 12.61 7.80
CA PHE A 171 26.61 13.44 6.61
C PHE A 171 27.03 12.68 5.35
N PHE A 172 26.47 13.11 4.22
CA PHE A 172 26.71 12.42 2.95
C PHE A 172 28.18 12.47 2.54
N PHE A 173 28.89 13.54 2.88
CA PHE A 173 30.29 13.65 2.48
C PHE A 173 31.20 12.74 3.28
N GLN A 174 30.66 11.97 4.23
CA GLN A 174 31.45 11.02 5.01
C GLN A 174 31.31 9.59 4.48
N ALA A 175 30.65 9.41 3.33
CA ALA A 175 30.53 8.08 2.74
C ALA A 175 31.88 7.60 2.23
N HIS A 176 32.08 6.28 2.31
CA HIS A 176 33.36 5.70 1.91
C HIS A 176 33.57 5.70 0.41
N VAL A 177 32.50 5.88 -0.38
CA VAL A 177 32.65 5.90 -1.83
C VAL A 177 33.47 7.10 -2.28
N TRP A 178 33.53 8.16 -1.47
CA TRP A 178 34.35 9.32 -1.81
C TRP A 178 35.84 9.05 -1.71
N GLU A 179 36.23 7.90 -1.15
CA GLU A 179 37.61 7.46 -1.26
C GLU A 179 37.93 6.93 -2.65
N GLU A 180 36.91 6.58 -3.43
CA GLU A 180 37.08 6.06 -4.78
C GLU A 180 36.86 7.10 -5.87
N VAL A 181 36.05 8.13 -5.64
CA VAL A 181 35.81 9.18 -6.61
C VAL A 181 36.13 10.53 -5.99
N ALA A 182 36.57 11.45 -6.83
CA ALA A 182 36.71 12.85 -6.43
C ALA A 182 35.41 13.57 -6.77
N LEU A 183 34.84 14.25 -5.79
CA LEU A 183 33.60 15.00 -5.99
C LEU A 183 33.97 16.41 -6.41
N ARG A 184 33.58 16.80 -7.62
CA ARG A 184 33.83 18.14 -8.12
C ARG A 184 32.69 19.05 -7.69
N VAL A 185 33.05 20.25 -7.24
CA VAL A 185 32.11 21.15 -6.58
C VAL A 185 31.91 22.38 -7.44
N HIS A 186 30.66 22.66 -7.78
CA HIS A 186 30.26 23.89 -8.45
C HIS A 186 29.44 24.72 -7.48
N ARG A 187 29.73 26.01 -7.42
CA ARG A 187 29.16 26.88 -6.41
C ARG A 187 28.35 27.99 -7.06
N LEU A 188 27.14 28.20 -6.53
CA LEU A 188 26.30 29.32 -6.92
C LEU A 188 26.28 30.32 -5.77
N TRP A 189 26.26 31.61 -6.11
CA TRP A 189 26.37 32.65 -5.08
C TRP A 189 25.23 33.66 -5.13
N GLU A 190 24.73 34.00 -6.31
CA GLU A 190 23.76 35.08 -6.45
C GLU A 190 22.38 34.61 -6.05
N SER A 191 21.73 35.38 -5.20
CA SER A 191 20.37 35.08 -4.76
C SER A 191 19.38 35.24 -5.90
N GLN A 192 18.46 34.29 -6.01
CA GLN A 192 17.37 34.39 -6.97
C GLN A 192 16.01 34.52 -6.31
N ARG A 193 15.78 33.78 -5.22
CA ARG A 193 14.50 33.90 -4.51
C ARG A 193 14.34 35.29 -3.91
N GLN A 194 15.43 35.88 -3.42
CA GLN A 194 15.43 37.19 -2.80
C GLN A 194 16.13 38.24 -3.66
N ARG A 195 16.03 38.10 -4.99
CA ARG A 195 16.77 38.99 -5.88
C ARG A 195 16.15 40.39 -5.94
N GLU A 196 14.86 40.52 -5.67
CA GLU A 196 14.20 41.81 -5.68
C GLU A 196 14.24 42.48 -4.31
N ASP A 197 14.95 41.90 -3.36
CA ASP A 197 15.12 42.47 -2.02
C ASP A 197 16.56 42.27 -1.59
N PRO A 198 17.50 43.03 -2.19
CA PRO A 198 18.92 42.76 -1.94
C PRO A 198 19.33 42.90 -0.48
N LEU A 199 18.75 43.85 0.26
CA LEU A 199 19.10 43.99 1.67
C LEU A 199 18.67 42.76 2.47
N PHE A 200 17.53 42.19 2.12
CA PHE A 200 17.11 40.93 2.75
C PHE A 200 18.08 39.80 2.37
N ALA A 201 18.53 39.77 1.12
CA ALA A 201 19.50 38.78 0.70
C ALA A 201 20.82 38.95 1.43
N GLU A 202 21.28 40.20 1.60
CA GLU A 202 22.50 40.44 2.36
C GLU A 202 22.36 40.00 3.80
N LEU A 203 21.18 40.24 4.39
CA LEU A 203 20.93 39.79 5.76
C LEU A 203 21.04 38.28 5.87
N LEU A 204 20.41 37.55 4.95
CA LEU A 204 20.48 36.09 4.98
C LEU A 204 21.91 35.60 4.78
N LYS A 205 22.67 36.25 3.91
CA LYS A 205 24.07 35.90 3.75
C LYS A 205 24.83 36.05 5.07
N ARG A 206 24.60 37.15 5.77
CA ARG A 206 25.27 37.37 7.05
C ARG A 206 24.78 36.38 8.11
N LEU A 207 23.49 36.06 8.10
CA LEU A 207 22.99 35.04 9.03
C LEU A 207 23.63 33.69 8.76
N ARG A 208 23.83 33.36 7.49
CA ARG A 208 24.50 32.11 7.14
C ARG A 208 25.93 32.08 7.67
N GLN A 209 26.61 33.23 7.62
CA GLN A 209 27.94 33.34 8.20
C GLN A 209 27.94 33.36 9.72
N GLY A 210 26.77 33.35 10.36
CA GLY A 210 26.69 33.36 11.81
C GLY A 210 26.81 34.71 12.47
N ASP A 211 26.69 35.81 11.72
CA ASP A 211 26.80 37.15 12.26
C ASP A 211 25.81 37.37 13.41
N PRO A 212 26.26 37.74 14.61
CA PRO A 212 25.32 37.98 15.71
C PRO A 212 24.57 39.29 15.58
N GLN A 213 25.17 40.28 14.91
CA GLN A 213 24.45 41.54 14.70
C GLN A 213 23.38 41.39 13.62
N ALA A 214 23.59 40.49 12.66
CA ALA A 214 22.53 40.19 11.70
C ALA A 214 21.31 39.66 12.42
N LEU A 215 21.52 38.79 13.42
CA LEU A 215 20.41 38.25 14.20
C LEU A 215 19.68 39.33 14.97
N GLU A 216 20.42 40.29 15.53
CA GLU A 216 19.76 41.39 16.25
C GLU A 216 18.92 42.23 15.31
N THR A 217 19.41 42.46 14.09
CA THR A 217 18.63 43.20 13.11
C THR A 217 17.37 42.44 12.72
N LEU A 218 17.46 41.11 12.65
CA LEU A 218 16.27 40.31 12.35
C LEU A 218 15.27 40.34 13.50
N ASN A 219 15.75 40.27 14.75
CA ASN A 219 14.85 40.30 15.90
C ASN A 219 14.07 41.60 15.95
N ARG A 220 14.70 42.72 15.58
CA ARG A 220 14.02 44.00 15.63
C ARG A 220 13.02 44.15 14.48
N ALA A 221 13.37 43.66 13.29
CA ALA A 221 12.58 43.91 12.10
C ALA A 221 11.42 42.92 11.91
N ALA A 222 11.50 41.71 12.47
CA ALA A 222 10.62 40.63 12.06
C ALA A 222 9.82 39.98 13.18
N VAL A 223 10.05 40.34 14.44
CA VAL A 223 9.28 39.73 15.52
C VAL A 223 7.88 40.34 15.53
N ARG A 224 6.87 39.53 15.20
CA ARG A 224 5.48 39.96 15.17
C ARG A 224 4.63 38.76 15.60
N PRO A 225 4.21 38.71 16.87
CA PRO A 225 3.55 37.49 17.36
C PRO A 225 2.32 37.06 16.58
N ASP A 226 1.47 38.01 16.15
CA ASP A 226 0.25 37.66 15.45
C ASP A 226 0.46 37.43 13.96
N GLY A 227 1.72 37.44 13.50
CA GLY A 227 2.01 37.16 12.10
C GLY A 227 1.38 35.89 11.58
N GLY A 228 1.20 34.89 12.45
CA GLY A 228 0.64 33.61 12.03
C GLY A 228 -0.85 33.64 11.74
N GLU A 229 -1.55 34.70 12.11
CA GLU A 229 -2.97 34.81 11.86
C GLU A 229 -3.31 35.68 10.66
N GLU A 230 -2.29 36.25 10.01
CA GLU A 230 -2.53 36.98 8.78
C GLU A 230 -2.87 35.99 7.66
N PRO A 231 -3.77 36.33 6.75
CA PRO A 231 -4.20 35.36 5.73
C PRO A 231 -3.07 35.02 4.77
N GLY A 232 -3.20 33.85 4.15
CA GLY A 232 -2.20 33.38 3.21
C GLY A 232 -0.85 33.08 3.82
N THR A 233 -0.80 32.76 5.10
CA THR A 233 0.46 32.55 5.82
C THR A 233 0.61 31.08 6.19
N LEU A 234 1.74 30.49 5.81
CA LEU A 234 2.09 29.15 6.26
C LEU A 234 2.96 29.26 7.51
N ILE A 235 2.61 28.50 8.54
CA ILE A 235 3.33 28.49 9.80
C ILE A 235 4.31 27.33 9.81
N LEU A 236 5.54 27.59 10.23
CA LEU A 236 6.55 26.56 10.36
C LEU A 236 6.95 26.43 11.82
N THR A 237 7.15 25.19 12.27
CA THR A 237 7.51 24.89 13.64
C THR A 237 8.60 23.82 13.67
N PRO A 238 9.41 23.78 14.72
CA PRO A 238 10.42 22.71 14.82
C PRO A 238 9.83 21.32 15.05
N ARG A 239 8.70 21.19 15.75
CA ARG A 239 8.18 19.90 16.17
C ARG A 239 6.79 19.63 15.60
N ARG A 240 6.51 18.33 15.41
CA ARG A 240 5.23 17.92 14.84
C ARG A 240 4.05 18.27 15.75
N LYS A 241 4.19 18.01 17.06
CA LYS A 241 3.07 18.24 17.96
C LYS A 241 2.80 19.73 18.15
N GLU A 242 3.81 20.57 17.99
CA GLU A 242 3.58 22.01 18.01
C GLU A 242 2.76 22.44 16.80
N ALA A 243 2.98 21.80 15.66
CA ALA A 243 2.15 22.04 14.49
C ALA A 243 0.71 21.61 14.72
N ASP A 244 0.51 20.53 15.47
CA ASP A 244 -0.84 20.05 15.76
C ASP A 244 -1.63 21.09 16.54
N ALA A 245 -1.04 21.61 17.62
CA ALA A 245 -1.70 22.63 18.42
C ALA A 245 -2.10 23.85 17.58
N LEU A 246 -1.28 24.20 16.60
CA LEU A 246 -1.58 25.35 15.77
C LEU A 246 -2.64 25.04 14.71
N ASN A 247 -2.58 23.84 14.14
CA ASN A 247 -3.56 23.47 13.12
C ASN A 247 -4.95 23.29 13.73
N LEU A 248 -5.02 22.75 14.96
CA LEU A 248 -6.31 22.55 15.61
C LEU A 248 -7.01 23.89 15.87
N LYS A 249 -6.24 24.96 16.06
CA LYS A 249 -6.84 26.27 16.26
C LYS A 249 -7.53 26.74 14.99
N ARG A 250 -6.87 26.58 13.83
CA ARG A 250 -7.48 26.93 12.56
C ARG A 250 -8.51 25.91 12.12
N LEU A 251 -8.42 24.68 12.61
CA LEU A 251 -9.33 23.62 12.19
C LEU A 251 -10.73 23.84 12.77
N GLU A 252 -10.83 23.90 14.10
CA GLU A 252 -12.14 24.13 14.69
C GLU A 252 -12.43 25.62 14.66
N ALA A 253 -12.32 26.19 13.46
CA ALA A 253 -12.79 27.53 13.15
C ALA A 253 -13.48 27.55 11.79
N LEU A 254 -13.64 26.40 11.14
CA LEU A 254 -14.21 25.99 9.87
C LEU A 254 -15.67 25.55 10.07
N PRO A 255 -16.54 25.85 9.12
CA PRO A 255 -17.98 25.59 9.33
C PRO A 255 -18.40 24.14 9.21
N GLY A 256 -17.64 23.29 8.51
CA GLY A 256 -18.10 21.95 8.23
C GLY A 256 -18.21 21.08 9.47
N LYS A 257 -18.86 19.93 9.28
CA LYS A 257 -18.99 18.95 10.36
C LYS A 257 -17.66 18.22 10.55
N PRO A 258 -17.18 18.09 11.79
CA PRO A 258 -15.93 17.37 12.01
C PRO A 258 -16.13 15.86 11.97
N LEU A 259 -15.12 15.17 11.45
CA LEU A 259 -15.09 13.71 11.46
C LEU A 259 -13.75 13.27 12.02
N GLU A 260 -13.77 12.21 12.83
CA GLU A 260 -12.59 11.72 13.50
C GLU A 260 -12.14 10.39 12.91
N TYR A 261 -10.84 10.26 12.68
CA TYR A 261 -10.22 9.03 12.21
C TYR A 261 -9.38 8.50 13.35
N GLN A 262 -9.78 7.36 13.91
CA GLN A 262 -9.10 6.77 15.05
C GLN A 262 -8.12 5.70 14.58
N ALA A 263 -6.87 5.83 14.99
CA ALA A 263 -5.85 4.86 14.62
C ALA A 263 -5.92 3.63 15.52
N GLN A 264 -5.45 2.51 14.99
CA GLN A 264 -5.29 1.30 15.78
C GLN A 264 -3.81 1.09 16.01
N VAL A 265 -3.41 1.03 17.28
CA VAL A 265 -2.02 0.86 17.68
C VAL A 265 -1.86 -0.56 18.22
N LYS A 266 -0.79 -1.22 17.81
CA LYS A 266 -0.53 -2.60 18.20
C LYS A 266 0.91 -2.72 18.65
N GLY A 267 1.12 -3.48 19.73
CA GLY A 267 2.46 -3.64 20.25
C GLY A 267 3.00 -2.36 20.84
N GLU A 268 4.32 -2.23 20.78
CA GLU A 268 5.02 -1.08 21.36
C GLU A 268 5.15 0.01 20.31
N PHE A 269 4.37 1.07 20.46
CA PHE A 269 4.42 2.22 19.56
C PHE A 269 4.09 3.45 20.38
N ALA A 270 5.12 4.15 20.84
CA ALA A 270 4.92 5.36 21.64
C ALA A 270 4.31 6.47 20.78
N GLU A 271 3.48 7.29 21.42
CA GLU A 271 2.85 8.38 20.68
C GLU A 271 3.82 9.47 20.28
N THR A 272 5.03 9.47 20.85
CA THR A 272 6.09 10.34 20.34
C THR A 272 6.40 10.03 18.88
N ASP A 273 6.34 8.75 18.50
CA ASP A 273 6.70 8.30 17.17
C ASP A 273 5.54 8.29 16.19
N PHE A 274 4.35 8.67 16.62
CA PHE A 274 3.19 8.67 15.74
C PHE A 274 3.41 9.66 14.60
N PRO A 275 3.27 9.23 13.33
CA PRO A 275 3.41 10.19 12.22
C PRO A 275 2.25 11.16 12.14
N THR A 276 1.12 10.82 12.73
CA THR A 276 -0.02 11.71 12.85
C THR A 276 -0.78 11.32 14.10
N GLU A 277 -1.80 12.10 14.45
CA GLU A 277 -2.49 11.89 15.72
C GLU A 277 -3.34 10.62 15.67
N ALA A 278 -3.40 9.93 16.81
CA ALA A 278 -4.23 8.74 16.90
C ALA A 278 -5.71 9.10 16.80
N ALA A 279 -6.11 10.24 17.35
CA ALA A 279 -7.45 10.78 17.20
C ALA A 279 -7.31 12.01 16.31
N LEU A 280 -7.40 11.80 15.00
CA LEU A 280 -7.21 12.85 14.02
C LEU A 280 -8.57 13.32 13.53
N THR A 281 -8.84 14.62 13.68
CA THR A 281 -10.11 15.21 13.30
C THR A 281 -9.93 16.05 12.04
N LEU A 282 -10.80 15.84 11.06
CA LEU A 282 -10.78 16.61 9.82
C LEU A 282 -12.11 17.32 9.62
N LYS A 283 -12.09 18.32 8.74
CA LYS A 283 -13.29 18.98 8.27
C LYS A 283 -13.18 19.15 6.77
N LYS A 284 -14.33 19.32 6.11
CA LYS A 284 -14.30 19.65 4.69
C LYS A 284 -13.63 21.01 4.52
N GLY A 285 -12.70 21.10 3.57
CA GLY A 285 -11.98 22.33 3.32
C GLY A 285 -10.67 22.46 4.06
N ALA A 286 -10.39 21.58 5.02
CA ALA A 286 -9.16 21.67 5.79
C ALA A 286 -7.94 21.46 4.89
N GLN A 287 -6.90 22.25 5.14
CA GLN A 287 -5.66 22.11 4.38
C GLN A 287 -4.82 21.00 4.99
N VAL A 288 -4.35 20.09 4.15
CA VAL A 288 -3.70 18.86 4.62
C VAL A 288 -2.48 18.54 3.76
N ILE A 289 -1.59 17.73 4.32
CA ILE A 289 -0.44 17.18 3.61
C ILE A 289 -0.47 15.67 3.75
N LEU A 290 -0.18 14.98 2.64
CA LEU A 290 -0.21 13.53 2.62
C LEU A 290 1.14 12.96 3.05
N LEU A 291 1.10 11.83 3.76
CA LEU A 291 2.29 11.28 4.40
C LEU A 291 2.77 9.97 3.80
N ARG A 292 2.06 9.39 2.85
CA ARG A 292 2.48 8.12 2.26
C ARG A 292 2.21 8.13 0.76
N ASN A 293 2.99 7.33 0.04
CA ASN A 293 2.86 7.24 -1.41
C ASN A 293 1.73 6.31 -1.79
N ASP A 294 0.99 6.69 -2.83
CA ASP A 294 -0.07 5.84 -3.36
C ASP A 294 0.54 4.69 -4.15
N PRO A 295 0.18 3.44 -3.85
CA PRO A 295 0.65 2.33 -4.70
C PRO A 295 0.25 2.50 -6.15
N LEU A 296 -0.95 3.03 -6.40
CA LEU A 296 -1.41 3.31 -7.76
C LEU A 296 -0.78 4.56 -8.36
N GLY A 297 0.01 5.31 -7.60
CA GLY A 297 0.76 6.43 -8.12
C GLY A 297 0.00 7.73 -8.30
N GLU A 298 -1.19 7.87 -7.70
CA GLU A 298 -1.98 9.08 -7.88
C GLU A 298 -1.62 10.19 -6.91
N TYR A 299 -0.99 9.85 -5.78
CA TYR A 299 -0.53 10.84 -4.82
C TYR A 299 0.75 10.31 -4.17
N PHE A 300 1.48 11.22 -3.53
CA PHE A 300 2.77 10.87 -2.94
C PHE A 300 2.96 11.61 -1.63
N ASN A 301 3.87 11.08 -0.81
CA ASN A 301 4.32 11.75 0.40
C ASN A 301 4.78 13.16 0.09
N GLY A 302 4.15 14.14 0.73
CA GLY A 302 4.45 15.54 0.48
C GLY A 302 3.37 16.29 -0.26
N ASP A 303 2.40 15.59 -0.83
CA ASP A 303 1.33 16.24 -1.57
C ASP A 303 0.47 17.09 -0.63
N LEU A 304 0.36 18.37 -0.95
CA LEU A 304 -0.52 19.28 -0.23
C LEU A 304 -1.87 19.33 -0.93
N GLY A 305 -2.91 19.59 -0.15
CA GLY A 305 -4.24 19.64 -0.75
C GLY A 305 -5.29 19.98 0.29
N TRP A 306 -6.54 19.81 -0.12
CA TRP A 306 -7.69 20.19 0.71
C TRP A 306 -8.70 19.05 0.74
N VAL A 307 -9.20 18.75 1.93
CA VAL A 307 -10.21 17.71 2.11
C VAL A 307 -11.48 18.09 1.39
N GLU A 308 -12.04 17.14 0.64
CA GLU A 308 -13.31 17.33 -0.05
C GLU A 308 -14.44 16.46 0.48
N ASP A 309 -14.18 15.18 0.76
CA ASP A 309 -15.17 14.28 1.35
C ASP A 309 -14.56 13.54 2.53
N LEU A 310 -15.40 13.22 3.51
CA LEU A 310 -14.98 12.50 4.71
C LEU A 310 -15.99 11.41 5.01
N GLU A 311 -15.54 10.16 4.93
CA GLU A 311 -16.37 9.02 5.27
C GLU A 311 -15.56 8.06 6.13
N ALA A 312 -16.10 6.88 6.43
CA ALA A 312 -15.64 6.09 7.57
C ALA A 312 -14.13 5.83 7.50
N GLU A 313 -13.66 5.14 6.46
CA GLU A 313 -12.23 4.89 6.34
C GLU A 313 -11.70 5.34 4.99
N ALA A 314 -12.27 6.41 4.44
CA ALA A 314 -11.88 6.88 3.13
C ALA A 314 -12.26 8.36 3.01
N LEU A 315 -11.32 9.17 2.56
CA LEU A 315 -11.55 10.59 2.34
C LEU A 315 -11.01 10.99 0.99
N ALA A 316 -11.66 11.99 0.39
CA ALA A 316 -11.24 12.54 -0.89
C ALA A 316 -10.46 13.83 -0.64
N VAL A 317 -9.33 13.97 -1.35
CA VAL A 317 -8.47 15.13 -1.20
C VAL A 317 -8.19 15.70 -2.58
N ARG A 318 -8.44 17.00 -2.74
CA ARG A 318 -8.10 17.72 -3.96
C ARG A 318 -6.65 18.18 -3.86
N LEU A 319 -5.83 17.78 -4.83
CA LEU A 319 -4.40 18.04 -4.74
C LEU A 319 -4.03 19.42 -5.27
N LYS A 320 -3.04 20.04 -4.63
CA LYS A 320 -2.49 21.30 -5.11
C LYS A 320 -1.59 21.10 -6.32
N ARG A 321 -0.94 19.94 -6.43
CA ARG A 321 0.07 19.73 -7.46
C ARG A 321 -0.57 19.70 -8.86
N ASN A 322 -1.74 19.09 -9.00
CA ASN A 322 -2.35 18.96 -10.31
C ASN A 322 -3.85 19.24 -10.34
N GLY A 323 -4.43 19.73 -9.25
CA GLY A 323 -5.86 19.98 -9.23
C GLY A 323 -6.72 18.73 -9.34
N ARG A 324 -6.08 17.56 -9.22
CA ARG A 324 -6.81 16.31 -9.31
C ARG A 324 -7.29 15.86 -7.93
N ARG A 325 -8.28 14.98 -7.94
CA ARG A 325 -8.94 14.51 -6.73
C ARG A 325 -8.59 13.05 -6.49
N VAL A 326 -8.06 12.76 -5.29
CA VAL A 326 -7.59 11.42 -4.95
C VAL A 326 -8.33 10.95 -3.70
N VAL A 327 -8.33 9.63 -3.50
CA VAL A 327 -9.03 9.00 -2.39
C VAL A 327 -7.99 8.37 -1.48
N ILE A 328 -8.08 8.66 -0.18
CA ILE A 328 -7.08 8.26 0.81
C ILE A 328 -7.69 7.22 1.73
N ARG A 329 -6.93 6.16 2.00
CA ARG A 329 -7.32 5.08 2.88
C ARG A 329 -6.21 4.80 3.87
N PRO A 330 -6.51 4.12 4.99
CA PRO A 330 -5.50 3.92 6.03
C PRO A 330 -4.29 3.12 5.52
N PHE A 331 -3.11 3.54 5.99
CA PHE A 331 -1.84 2.86 5.77
C PHE A 331 -1.35 2.28 7.09
N VAL A 332 -0.30 1.47 7.02
CA VAL A 332 0.30 0.86 8.21
C VAL A 332 1.73 1.35 8.34
N TRP A 333 2.08 1.82 9.53
CA TRP A 333 3.45 2.23 9.87
C TRP A 333 4.05 1.22 10.82
N GLU A 334 5.28 0.80 10.55
CA GLU A 334 6.01 -0.08 11.46
C GLU A 334 6.94 0.73 12.33
N LYS A 335 7.12 0.26 13.57
CA LYS A 335 8.07 0.85 14.51
C LYS A 335 9.21 -0.14 14.71
N ILE A 336 10.41 0.23 14.27
CA ILE A 336 11.57 -0.64 14.31
C ILE A 336 12.53 -0.16 15.40
N VAL A 337 13.02 -1.09 16.20
CA VAL A 337 14.07 -0.83 17.18
C VAL A 337 15.25 -1.72 16.87
N TYR A 338 16.41 -1.35 17.40
CA TYR A 338 17.67 -2.02 17.12
C TYR A 338 18.29 -2.52 18.42
N THR A 339 18.63 -3.80 18.45
CA THR A 339 19.27 -4.44 19.59
C THR A 339 20.70 -4.81 19.24
N TYR A 340 21.54 -4.90 20.27
CA TYR A 340 22.98 -5.11 20.10
C TYR A 340 23.35 -6.48 20.64
N ASP A 341 23.79 -7.36 19.74
CA ASP A 341 24.34 -8.65 20.14
C ASP A 341 25.77 -8.46 20.61
N SER A 342 26.09 -9.00 21.79
CA SER A 342 27.45 -8.92 22.31
C SER A 342 28.40 -9.98 21.72
N GLU A 343 27.86 -11.09 21.20
CA GLU A 343 28.70 -12.20 20.77
C GLU A 343 29.32 -11.99 19.40
N ARG A 344 28.48 -11.79 18.37
CA ARG A 344 28.93 -11.32 17.07
C ARG A 344 29.15 -9.81 17.02
N GLU A 345 28.65 -9.05 18.00
CA GLU A 345 28.74 -7.58 18.03
C GLU A 345 28.10 -6.95 16.80
N GLU A 346 26.81 -7.24 16.60
CA GLU A 346 26.05 -6.71 15.48
C GLU A 346 24.74 -6.12 15.98
N ILE A 347 24.10 -5.36 15.10
CA ILE A 347 22.79 -4.78 15.37
C ILE A 347 21.78 -5.55 14.53
N LYS A 348 20.62 -5.84 15.11
CA LYS A 348 19.54 -6.49 14.38
C LYS A 348 18.29 -5.65 14.48
N PRO A 349 17.67 -5.26 13.36
CA PRO A 349 16.39 -4.55 13.42
C PRO A 349 15.27 -5.50 13.82
N GLN A 350 14.20 -4.91 14.35
CA GLN A 350 13.09 -5.68 14.86
C GLN A 350 11.86 -4.80 14.92
N VAL A 351 10.72 -5.34 14.48
CA VAL A 351 9.45 -4.63 14.54
C VAL A 351 8.82 -4.89 15.91
N VAL A 352 8.47 -3.81 16.61
CA VAL A 352 7.86 -3.92 17.93
C VAL A 352 6.45 -3.35 17.98
N GLY A 353 5.97 -2.71 16.93
CA GLY A 353 4.64 -2.14 16.95
C GLY A 353 4.22 -1.68 15.57
N THR A 354 2.91 -1.49 15.43
CA THR A 354 2.33 -0.98 14.19
C THR A 354 1.35 0.14 14.51
N PHE A 355 1.13 0.99 13.51
CA PHE A 355 0.23 2.14 13.64
C PHE A 355 -0.52 2.25 12.33
N ARG A 356 -1.84 2.09 12.37
CA ARG A 356 -2.67 2.13 11.17
C ARG A 356 -3.57 3.35 11.26
N GLN A 357 -3.48 4.21 10.26
CA GLN A 357 -4.22 5.47 10.27
C GLN A 357 -4.20 6.04 8.86
N VAL A 358 -5.16 6.91 8.59
CA VAL A 358 -5.17 7.72 7.38
C VAL A 358 -3.85 8.48 7.32
N PRO A 359 -3.14 8.45 6.18
CA PRO A 359 -1.85 9.16 6.07
C PRO A 359 -2.01 10.63 5.75
N VAL A 360 -2.54 11.39 6.71
CA VAL A 360 -2.83 12.80 6.49
C VAL A 360 -2.48 13.58 7.76
N ARG A 361 -1.87 14.75 7.58
CA ARG A 361 -1.68 15.74 8.63
C ARG A 361 -2.35 17.05 8.20
N LEU A 362 -2.84 17.80 9.16
CA LEU A 362 -3.28 19.16 8.88
C LEU A 362 -2.06 20.00 8.52
N ALA A 363 -2.22 20.89 7.53
CA ALA A 363 -1.06 21.51 6.94
C ALA A 363 -1.16 23.03 6.86
N TRP A 364 -1.87 23.65 7.80
CA TRP A 364 -1.70 25.09 7.96
C TRP A 364 -0.36 25.40 8.60
N ALA A 365 0.12 24.51 9.47
CA ALA A 365 1.44 24.58 10.05
C ALA A 365 2.18 23.28 9.78
N LEU A 366 3.43 23.39 9.36
CA LEU A 366 4.27 22.23 9.05
C LEU A 366 5.58 22.32 9.82
N THR A 367 6.31 21.21 9.83
CA THR A 367 7.65 21.22 10.38
C THR A 367 8.62 21.84 9.38
N VAL A 368 9.70 22.43 9.91
CA VAL A 368 10.71 23.02 9.03
C VAL A 368 11.29 21.98 8.08
N HIS A 369 11.35 20.71 8.52
CA HIS A 369 11.90 19.66 7.68
C HIS A 369 11.06 19.45 6.42
N LYS A 370 9.74 19.60 6.53
CA LYS A 370 8.84 19.45 5.39
C LYS A 370 8.81 20.68 4.50
N ALA A 371 9.53 21.75 4.85
CA ALA A 371 9.53 22.97 4.06
C ALA A 371 10.80 23.17 3.25
N GLN A 372 11.90 22.50 3.59
CA GLN A 372 13.16 22.73 2.90
C GLN A 372 13.02 22.46 1.42
N GLY A 373 13.42 23.44 0.60
CA GLY A 373 13.29 23.39 -0.83
C GLY A 373 12.12 24.17 -1.38
N LEU A 374 11.15 24.52 -0.54
CA LEU A 374 9.99 25.26 -1.01
C LEU A 374 10.26 26.76 -1.04
N THR A 375 9.72 27.42 -2.06
CA THR A 375 9.62 28.87 -2.09
C THR A 375 8.20 29.23 -1.66
N LEU A 376 8.09 29.93 -0.54
CA LEU A 376 6.79 30.23 0.04
C LEU A 376 6.46 31.71 -0.12
N ASP A 377 5.16 32.01 -0.12
CA ASP A 377 4.72 33.40 -0.27
C ASP A 377 4.81 34.15 1.06
N LYS A 378 4.42 33.51 2.16
CA LYS A 378 4.41 34.16 3.47
C LYS A 378 4.65 33.12 4.54
N VAL A 379 5.57 33.40 5.46
CA VAL A 379 5.98 32.45 6.48
C VAL A 379 5.98 33.13 7.84
N HIS A 380 5.37 32.48 8.83
CA HIS A 380 5.46 32.89 10.23
C HIS A 380 6.10 31.75 10.99
N LEU A 381 7.25 32.00 11.60
CA LEU A 381 7.98 30.97 12.32
C LEU A 381 7.59 30.98 13.79
N GLU A 382 6.96 29.90 14.25
CA GLU A 382 6.62 29.71 15.64
C GLU A 382 7.71 28.85 16.28
N LEU A 383 8.49 29.45 17.19
CA LEU A 383 9.67 28.78 17.70
C LEU A 383 9.35 27.67 18.69
N GLY A 384 8.18 27.69 19.31
CA GLY A 384 7.81 26.59 20.20
C GLY A 384 8.78 26.47 21.35
N ARG A 385 9.25 25.23 21.57
CA ARG A 385 10.18 24.94 22.64
C ARG A 385 11.64 24.95 22.17
N GLY A 386 11.93 25.60 21.06
CA GLY A 386 13.28 25.89 20.65
C GLY A 386 13.70 25.10 19.42
N LEU A 387 14.80 25.54 18.82
CA LEU A 387 15.41 24.83 17.71
C LEU A 387 16.26 23.67 18.24
N PHE A 388 16.34 22.59 17.46
CA PHE A 388 17.13 21.44 17.84
C PHE A 388 18.03 20.89 16.74
N ALA A 389 17.90 21.34 15.50
CA ALA A 389 18.65 20.77 14.38
C ALA A 389 19.50 21.84 13.71
N HIS A 390 20.73 21.45 13.35
CA HIS A 390 21.62 22.31 12.59
C HIS A 390 20.97 22.70 11.27
N GLY A 391 20.98 23.99 10.95
CA GLY A 391 20.37 24.50 9.74
C GLY A 391 18.88 24.73 9.81
N GLN A 392 18.25 24.48 10.96
CA GLN A 392 16.80 24.61 11.08
C GLN A 392 16.35 26.06 10.92
N LEU A 393 16.94 26.96 11.71
CA LEU A 393 16.55 28.37 11.65
C LEU A 393 16.79 28.95 10.25
N TYR A 394 17.94 28.66 9.66
CA TYR A 394 18.28 29.23 8.37
C TYR A 394 17.29 28.80 7.28
N VAL A 395 16.82 27.56 7.35
CA VAL A 395 15.84 27.10 6.36
C VAL A 395 14.52 27.84 6.53
N ALA A 396 14.07 28.02 7.78
CA ALA A 396 12.81 28.72 8.02
C ALA A 396 12.87 30.16 7.52
N LEU A 397 14.01 30.82 7.66
CA LEU A 397 14.15 32.23 7.28
C LEU A 397 14.26 32.47 5.79
N THR A 398 14.69 31.47 5.00
CA THR A 398 15.02 31.70 3.60
C THR A 398 13.97 31.14 2.65
N ARG A 399 12.77 30.83 3.13
CA ARG A 399 11.72 30.33 2.24
C ARG A 399 11.02 31.43 1.46
N VAL A 400 11.03 32.67 1.96
CA VAL A 400 10.27 33.75 1.37
C VAL A 400 11.19 34.63 0.54
N ARG A 401 10.59 35.47 -0.31
CA ARG A 401 11.31 36.37 -1.20
C ARG A 401 11.67 37.70 -0.52
N ARG A 402 10.80 38.23 0.33
CA ARG A 402 10.98 39.55 0.92
C ARG A 402 10.76 39.49 2.43
N LEU A 403 11.53 40.30 3.17
CA LEU A 403 11.42 40.32 4.62
C LEU A 403 9.99 40.65 5.07
N GLN A 404 9.26 41.45 4.31
CA GLN A 404 7.87 41.70 4.66
C GLN A 404 7.01 40.44 4.63
N ASP A 405 7.48 39.39 3.97
CA ASP A 405 6.78 38.10 3.94
C ASP A 405 7.13 37.19 5.11
N LEU A 406 7.97 37.63 6.04
CA LEU A 406 8.47 36.79 7.12
C LEU A 406 8.17 37.44 8.47
N SER A 407 7.84 36.60 9.46
CA SER A 407 7.63 37.06 10.82
C SER A 407 8.00 35.94 11.79
N LEU A 408 8.43 36.33 12.98
CA LEU A 408 8.82 35.40 14.03
C LEU A 408 7.90 35.57 15.24
N SER A 409 7.74 34.49 16.01
CA SER A 409 6.91 34.55 17.19
C SER A 409 7.62 35.22 18.37
N ARG A 410 8.95 35.12 18.43
CA ARG A 410 9.71 35.73 19.52
C ARG A 410 11.14 35.95 19.03
N PRO A 411 11.87 36.87 19.64
CA PRO A 411 13.26 37.10 19.24
C PRO A 411 14.11 35.86 19.50
N ILE A 412 15.20 35.75 18.75
CA ILE A 412 16.10 34.60 18.82
C ILE A 412 17.44 35.05 19.40
N ALA A 413 17.93 34.29 20.40
CA ALA A 413 19.19 34.51 21.08
C ALA A 413 20.34 33.86 20.31
N PRO A 414 21.53 34.45 20.38
CA PRO A 414 22.68 33.82 19.70
C PRO A 414 23.01 32.43 20.23
N THR A 415 22.83 32.19 21.53
CA THR A 415 23.12 30.90 22.12
C THR A 415 22.17 29.81 21.68
N GLU A 416 21.10 30.15 20.95
CA GLU A 416 20.17 29.17 20.40
C GLU A 416 20.71 28.51 19.14
N LEU A 417 21.81 28.98 18.58
CA LEU A 417 22.23 28.62 17.24
C LEU A 417 23.17 27.42 17.29
N LEU A 418 22.90 26.44 16.43
CA LEU A 418 23.65 25.19 16.37
C LEU A 418 24.65 25.24 15.22
N TRP A 419 25.89 24.84 15.49
CA TRP A 419 26.90 24.70 14.45
C TRP A 419 27.54 23.32 14.57
N ARG A 420 27.66 22.63 13.43
CA ARG A 420 28.29 21.32 13.38
C ARG A 420 29.72 21.46 12.90
N PRO A 421 30.71 20.96 13.65
CA PRO A 421 32.10 21.14 13.21
C PRO A 421 32.42 20.42 11.91
N GLU A 422 31.81 19.27 11.65
CA GLU A 422 32.07 18.55 10.41
C GLU A 422 31.63 19.37 9.20
N VAL A 423 30.61 20.20 9.35
CA VAL A 423 30.17 21.05 8.25
C VAL A 423 31.20 22.14 7.97
N GLU A 424 31.84 22.65 9.03
CA GLU A 424 32.88 23.67 8.85
C GLU A 424 34.06 23.10 8.07
N VAL A 425 34.52 21.91 8.46
CA VAL A 425 35.64 21.28 7.77
C VAL A 425 35.31 21.02 6.31
N PHE A 426 34.09 20.53 6.04
CA PHE A 426 33.70 20.24 4.67
C PHE A 426 33.68 21.50 3.82
N GLU A 427 32.89 22.49 4.24
CA GLU A 427 32.74 23.71 3.45
C GLU A 427 34.04 24.48 3.29
N THR A 428 35.07 24.17 4.10
CA THR A 428 36.36 24.82 3.92
C THR A 428 37.13 24.19 2.77
N ARG A 429 37.20 22.85 2.73
CA ARG A 429 37.92 22.18 1.64
C ARG A 429 37.20 22.27 0.30
N ILE A 430 35.88 22.50 0.28
CA ILE A 430 35.18 22.54 -0.99
C ILE A 430 35.45 23.81 -1.77
N GLN A 431 35.97 24.87 -1.12
CA GLN A 431 36.27 26.07 -1.87
C GLN A 431 37.48 25.89 -2.78
N GLU A 432 38.29 24.85 -2.53
CA GLU A 432 39.33 24.46 -3.47
C GLU A 432 38.76 23.84 -4.74
N GLY A 433 37.47 23.48 -4.74
CA GLY A 433 36.81 22.93 -5.91
C GLY A 433 36.69 21.42 -5.96
N ILE A 434 37.23 20.71 -4.98
CA ILE A 434 37.23 19.25 -4.96
C ILE A 434 36.98 18.78 -3.53
N TRP A 435 36.24 17.67 -3.40
CA TRP A 435 36.12 16.95 -2.14
C TRP A 435 36.61 15.54 -2.34
N GLN A 436 37.67 15.16 -1.63
CA GLN A 436 38.23 13.82 -1.70
C GLN A 436 38.43 13.28 -0.29
N LYS A 437 37.63 12.28 0.07
CA LYS A 437 37.79 11.58 1.34
C LYS A 437 39.03 10.69 1.26
N SER A 438 40.03 10.97 2.10
CA SER A 438 41.26 10.21 2.09
C SER A 438 41.14 9.04 3.07
N HIS A 439 42.26 8.35 3.32
CA HIS A 439 42.33 7.17 4.19
C HIS A 439 41.15 6.21 4.02
N GLY B 4 -22.04 -39.78 8.08
CA GLY B 4 -22.89 -39.14 9.07
C GLY B 4 -22.41 -37.77 9.50
N LEU B 5 -23.34 -36.84 9.69
CA LEU B 5 -23.00 -35.50 10.12
C LEU B 5 -22.53 -35.51 11.57
N SER B 6 -21.97 -34.37 12.00
CA SER B 6 -21.62 -34.20 13.40
C SER B 6 -22.86 -33.82 14.21
N SER B 7 -22.70 -33.78 15.52
CA SER B 7 -23.80 -33.39 16.41
C SER B 7 -24.30 -31.98 16.09
N GLU B 8 -23.42 -30.98 16.24
CA GLU B 8 -23.85 -29.59 16.06
C GLU B 8 -24.16 -29.25 14.62
N GLN B 9 -23.78 -30.10 13.66
CA GLN B 9 -24.22 -29.90 12.28
C GLN B 9 -25.71 -30.22 12.14
N GLN B 10 -26.19 -31.21 12.88
CA GLN B 10 -27.57 -31.65 12.72
C GLN B 10 -28.55 -30.63 13.31
N ARG B 11 -28.26 -30.09 14.50
CA ARG B 11 -29.15 -29.08 15.06
C ARG B 11 -29.19 -27.84 14.19
N ALA B 12 -28.05 -27.46 13.60
CA ALA B 12 -28.04 -26.34 12.67
C ALA B 12 -28.86 -26.67 11.43
N PHE B 13 -28.76 -27.90 10.96
CA PHE B 13 -29.59 -28.36 9.85
C PHE B 13 -31.07 -28.24 10.20
N LEU B 14 -31.47 -28.81 11.33
CA LEU B 14 -32.86 -28.71 11.77
C LEU B 14 -33.27 -27.26 12.04
N ALA B 15 -32.35 -26.46 12.60
CA ALA B 15 -32.68 -25.10 13.00
C ALA B 15 -33.02 -24.18 11.85
N VAL B 16 -32.61 -24.52 10.63
CA VAL B 16 -32.87 -23.66 9.47
C VAL B 16 -34.02 -24.23 8.63
N THR B 17 -34.17 -25.56 8.63
CA THR B 17 -35.13 -26.20 7.75
C THR B 17 -36.53 -26.26 8.34
N GLN B 18 -36.67 -26.21 9.66
CA GLN B 18 -37.96 -26.35 10.32
C GLN B 18 -38.41 -25.06 11.01
N THR B 19 -38.05 -23.92 10.43
CA THR B 19 -38.42 -22.61 10.97
C THR B 19 -38.96 -21.71 9.85
N PRO B 20 -39.91 -20.84 10.17
CA PRO B 20 -40.38 -19.86 9.18
C PRO B 20 -39.45 -18.67 8.99
N HIS B 21 -38.45 -18.50 9.86
CA HIS B 21 -37.56 -17.35 9.77
C HIS B 21 -36.80 -17.38 8.44
N PRO B 22 -36.79 -16.27 7.69
CA PRO B 22 -36.26 -16.28 6.32
C PRO B 22 -34.77 -15.99 6.18
N ALA B 23 -34.02 -15.78 7.25
CA ALA B 23 -32.61 -15.42 7.13
C ALA B 23 -31.82 -16.10 8.23
N HIS B 24 -30.83 -16.90 7.86
CA HIS B 24 -30.01 -17.63 8.82
C HIS B 24 -28.55 -17.60 8.41
N LEU B 25 -27.67 -17.62 9.40
CA LEU B 25 -26.23 -17.59 9.18
C LEU B 25 -25.59 -18.72 9.98
N ILE B 26 -24.80 -19.55 9.30
CA ILE B 26 -24.06 -20.63 9.94
C ILE B 26 -22.57 -20.29 9.85
N THR B 27 -21.95 -20.07 11.00
CA THR B 27 -20.56 -19.62 11.06
C THR B 27 -19.77 -20.48 12.04
N GLY B 28 -18.49 -20.64 11.75
CA GLY B 28 -17.58 -21.37 12.60
C GLY B 28 -16.19 -21.36 12.01
N PRO B 29 -15.20 -21.75 12.80
CA PRO B 29 -13.82 -21.75 12.31
C PRO B 29 -13.64 -22.63 11.08
N ALA B 30 -12.48 -22.48 10.46
CA ALA B 30 -12.18 -23.20 9.22
C ALA B 30 -12.17 -24.70 9.47
N GLY B 31 -12.96 -25.43 8.69
CA GLY B 31 -13.04 -26.87 8.80
C GLY B 31 -14.08 -27.40 9.75
N THR B 32 -15.03 -26.58 10.20
CA THR B 32 -16.10 -27.08 11.06
C THR B 32 -17.20 -27.79 10.29
N GLY B 33 -17.07 -27.90 8.96
CA GLY B 33 -18.06 -28.61 8.17
C GLY B 33 -19.19 -27.76 7.64
N LYS B 34 -18.96 -26.48 7.37
CA LYS B 34 -20.05 -25.59 6.97
C LYS B 34 -20.54 -25.90 5.56
N THR B 35 -19.62 -26.03 4.60
CA THR B 35 -20.01 -26.44 3.24
C THR B 35 -20.49 -27.88 3.23
N THR B 36 -19.84 -28.76 3.99
CA THR B 36 -20.31 -30.14 4.08
C THR B 36 -21.76 -30.17 4.59
N LEU B 37 -22.08 -29.34 5.58
CA LEU B 37 -23.46 -29.16 5.96
C LEU B 37 -24.30 -28.65 4.78
N LEU B 38 -23.75 -27.68 4.03
CA LEU B 38 -24.42 -27.16 2.84
C LEU B 38 -24.82 -28.29 1.89
N TYR B 39 -23.97 -29.31 1.76
CA TYR B 39 -24.29 -30.46 0.94
C TYR B 39 -25.60 -31.10 1.39
N ALA B 40 -25.79 -31.22 2.71
CA ALA B 40 -27.02 -31.80 3.21
C ALA B 40 -28.25 -30.97 2.81
N LEU B 41 -28.12 -29.63 2.85
CA LEU B 41 -29.29 -28.80 2.54
C LEU B 41 -29.61 -28.78 1.05
N GLN B 42 -28.60 -28.83 0.17
CA GLN B 42 -28.90 -28.94 -1.25
C GLN B 42 -29.57 -30.28 -1.56
N GLU B 43 -29.05 -31.36 -0.99
CA GLU B 43 -29.75 -32.63 -1.14
C GLU B 43 -31.04 -32.63 -0.35
N PHE B 44 -31.09 -31.89 0.76
CA PHE B 44 -32.36 -31.85 1.46
C PHE B 44 -33.42 -31.05 0.70
N TYR B 45 -33.06 -29.97 -0.02
CA TYR B 45 -34.24 -29.16 -0.36
C TYR B 45 -34.82 -29.48 -1.73
N LYS B 46 -34.11 -29.19 -2.81
CA LYS B 46 -33.32 -29.75 -3.89
C LYS B 46 -32.78 -28.44 -4.47
N GLY B 47 -32.20 -28.49 -5.66
CA GLY B 47 -31.92 -27.27 -6.40
C GLY B 47 -33.23 -26.47 -6.62
N ARG B 48 -34.30 -27.03 -6.05
CA ARG B 48 -35.43 -26.23 -5.54
C ARG B 48 -34.94 -25.14 -4.59
N ALA B 49 -33.69 -25.24 -4.13
CA ALA B 49 -32.93 -24.14 -3.54
C ALA B 49 -31.70 -23.87 -4.40
N VAL B 50 -31.22 -22.64 -4.42
CA VAL B 50 -30.12 -22.25 -5.31
C VAL B 50 -28.90 -21.94 -4.47
N THR B 51 -27.73 -22.41 -4.91
CA THR B 51 -26.50 -22.31 -4.15
C THR B 51 -25.50 -21.44 -4.89
N LEU B 52 -24.98 -20.43 -4.20
CA LEU B 52 -24.06 -19.46 -4.78
C LEU B 52 -22.88 -19.25 -3.85
N ALA B 53 -21.82 -18.65 -4.40
CA ALA B 53 -20.60 -18.32 -3.68
C ALA B 53 -19.94 -17.13 -4.36
N PRO B 54 -19.13 -16.35 -3.63
CA PRO B 54 -18.54 -15.15 -4.25
C PRO B 54 -17.45 -15.45 -5.26
N THR B 55 -16.62 -16.45 -4.99
CA THR B 55 -15.49 -16.80 -5.84
C THR B 55 -15.78 -18.06 -6.65
N GLY B 56 -15.04 -18.21 -7.75
CA GLY B 56 -15.12 -19.44 -8.52
C GLY B 56 -14.61 -20.64 -7.75
N THR B 57 -13.55 -20.45 -6.96
CA THR B 57 -13.04 -21.55 -6.15
C THR B 57 -14.08 -22.05 -5.15
N ALA B 58 -14.81 -21.13 -4.51
CA ALA B 58 -15.83 -21.54 -3.54
C ALA B 58 -17.11 -22.01 -4.21
N ALA B 59 -17.41 -21.49 -5.41
CA ALA B 59 -18.60 -21.93 -6.13
C ALA B 59 -18.48 -23.39 -6.54
N LEU B 60 -17.33 -23.77 -7.11
CA LEU B 60 -17.10 -25.17 -7.47
C LEU B 60 -17.10 -26.05 -6.23
N GLN B 61 -16.45 -25.61 -5.16
CA GLN B 61 -16.41 -26.40 -3.92
C GLN B 61 -17.80 -26.63 -3.36
N ALA B 62 -18.69 -25.65 -3.50
CA ALA B 62 -20.05 -25.74 -2.97
C ALA B 62 -21.02 -26.36 -3.96
N ARG B 63 -20.56 -26.75 -5.14
CA ARG B 63 -21.41 -27.30 -6.20
C ARG B 63 -22.54 -26.32 -6.55
N GLY B 64 -22.17 -25.05 -6.71
CA GLY B 64 -23.08 -24.04 -7.20
C GLY B 64 -22.38 -23.17 -8.24
N GLN B 65 -22.86 -21.94 -8.42
CA GLN B 65 -22.22 -20.99 -9.32
C GLN B 65 -21.84 -19.74 -8.54
N THR B 66 -21.08 -18.86 -9.19
CA THR B 66 -20.77 -17.58 -8.58
C THR B 66 -22.01 -16.70 -8.56
N VAL B 67 -22.05 -15.79 -7.59
CA VAL B 67 -23.18 -14.86 -7.51
C VAL B 67 -23.27 -14.03 -8.78
N HIS B 68 -22.13 -13.58 -9.30
CA HIS B 68 -22.13 -12.78 -10.52
C HIS B 68 -22.71 -13.57 -11.69
N SER B 69 -22.34 -14.84 -11.83
CA SER B 69 -22.77 -15.61 -12.98
C SER B 69 -24.27 -15.88 -12.95
N PHE B 70 -24.84 -16.14 -11.77
CA PHE B 70 -26.26 -16.46 -11.70
C PHE B 70 -27.11 -15.23 -12.04
N PHE B 71 -26.95 -14.15 -11.28
CA PHE B 71 -27.71 -12.94 -11.53
C PHE B 71 -27.25 -12.18 -12.77
N ARG B 72 -26.16 -12.62 -13.41
CA ARG B 72 -25.57 -11.93 -14.55
C ARG B 72 -25.20 -10.49 -14.18
N PHE B 73 -24.69 -10.32 -12.97
CA PHE B 73 -24.21 -9.01 -12.53
C PHE B 73 -22.94 -8.65 -13.28
N PRO B 74 -22.70 -7.36 -13.51
CA PRO B 74 -21.44 -6.95 -14.13
C PRO B 74 -20.29 -7.01 -13.14
N ALA B 75 -19.09 -7.22 -13.68
CA ALA B 75 -17.87 -7.30 -12.88
C ALA B 75 -17.38 -5.89 -12.53
N ARG B 76 -18.19 -5.19 -11.75
CA ARG B 76 -17.85 -3.85 -11.31
C ARG B 76 -18.73 -3.49 -10.13
N LEU B 77 -18.45 -2.31 -9.56
CA LEU B 77 -19.21 -1.80 -8.43
C LEU B 77 -20.71 -1.82 -8.74
N LEU B 78 -21.48 -2.36 -7.80
CA LEU B 78 -22.93 -2.46 -7.95
C LEU B 78 -23.56 -1.39 -7.05
N ARG B 79 -23.79 -0.22 -7.62
CA ARG B 79 -24.38 0.88 -6.86
C ARG B 79 -25.76 0.48 -6.32
N TYR B 80 -26.09 1.01 -5.15
CA TYR B 80 -27.25 0.56 -4.40
C TYR B 80 -28.55 0.73 -5.20
N ARG B 81 -29.16 -0.41 -5.54
CA ARG B 81 -30.45 -0.45 -6.24
C ARG B 81 -30.41 0.38 -7.53
N HIS B 82 -29.24 0.42 -8.18
CA HIS B 82 -29.07 1.24 -9.37
C HIS B 82 -29.55 0.49 -10.61
N PRO B 83 -30.43 1.08 -11.41
CA PRO B 83 -30.93 0.36 -12.60
C PRO B 83 -29.86 0.04 -13.63
N GLU B 84 -28.76 0.80 -13.68
CA GLU B 84 -27.71 0.50 -14.64
C GLU B 84 -26.88 -0.72 -14.24
N ASP B 85 -26.77 -0.98 -12.94
CA ASP B 85 -25.96 -2.08 -12.42
C ASP B 85 -26.77 -3.33 -12.14
N ILE B 86 -27.95 -3.18 -11.54
CA ILE B 86 -28.83 -4.28 -11.21
C ILE B 86 -30.01 -4.22 -12.16
N ARG B 87 -29.98 -5.04 -13.20
CA ARG B 87 -31.01 -5.04 -14.24
C ARG B 87 -31.76 -6.35 -14.22
N PRO B 88 -33.09 -6.33 -14.18
CA PRO B 88 -33.86 -7.57 -14.10
C PRO B 88 -33.72 -8.40 -15.36
N PRO B 89 -33.94 -9.70 -15.28
CA PRO B 89 -33.80 -10.56 -16.46
C PRO B 89 -34.92 -10.31 -17.46
N GLY B 90 -34.77 -10.96 -18.62
CA GLY B 90 -35.67 -10.78 -19.75
C GLY B 90 -37.11 -11.14 -19.43
N PRO B 91 -38.01 -10.88 -20.38
CA PRO B 91 -39.46 -11.01 -20.07
C PRO B 91 -39.86 -12.39 -19.58
N HIS B 92 -39.48 -13.45 -20.29
CA HIS B 92 -39.65 -14.82 -19.83
C HIS B 92 -38.37 -15.62 -20.07
N SER B 93 -37.21 -15.04 -19.71
CA SER B 93 -35.93 -15.69 -19.92
C SER B 93 -35.74 -16.82 -18.90
N PRO B 94 -34.88 -17.80 -19.21
CA PRO B 94 -34.71 -18.93 -18.29
C PRO B 94 -34.16 -18.55 -16.93
N LEU B 95 -33.57 -17.36 -16.77
CA LEU B 95 -33.16 -16.93 -15.44
C LEU B 95 -34.33 -16.37 -14.64
N ARG B 96 -35.27 -15.70 -15.31
CA ARG B 96 -36.42 -15.14 -14.63
C ARG B 96 -37.26 -16.22 -13.98
N LYS B 97 -37.36 -17.39 -14.61
CA LYS B 97 -38.15 -18.47 -14.03
C LYS B 97 -37.47 -19.06 -12.81
N ALA B 98 -36.14 -19.19 -12.85
CA ALA B 98 -35.42 -19.73 -11.70
C ALA B 98 -35.59 -18.87 -10.46
N ILE B 99 -35.48 -17.54 -10.62
CA ILE B 99 -35.65 -16.65 -9.47
C ILE B 99 -37.09 -16.69 -8.97
N GLU B 100 -38.06 -16.71 -9.89
CA GLU B 100 -39.46 -16.72 -9.48
C GLU B 100 -39.82 -18.00 -8.74
N GLN B 101 -39.28 -19.13 -9.18
CA GLN B 101 -39.57 -20.41 -8.54
C GLN B 101 -38.68 -20.69 -7.34
N MET B 102 -37.49 -20.10 -7.28
CA MET B 102 -36.59 -20.30 -6.15
C MET B 102 -37.25 -19.86 -4.85
N GLU B 103 -37.07 -20.68 -3.81
CA GLU B 103 -37.58 -20.36 -2.48
C GLU B 103 -36.51 -20.33 -1.41
N VAL B 104 -35.32 -20.86 -1.67
CA VAL B 104 -34.20 -20.81 -0.73
C VAL B 104 -32.93 -20.52 -1.50
N LEU B 105 -32.12 -19.59 -0.99
CA LEU B 105 -30.80 -19.33 -1.55
C LEU B 105 -29.76 -19.68 -0.51
N ILE B 106 -28.86 -20.59 -0.86
CA ILE B 106 -27.74 -20.97 -0.02
C ILE B 106 -26.50 -20.22 -0.52
N LEU B 107 -25.84 -19.50 0.38
CA LEU B 107 -24.71 -18.65 0.03
C LEU B 107 -23.52 -19.05 0.90
N ASP B 108 -22.53 -19.69 0.28
CA ASP B 108 -21.34 -20.13 1.00
C ASP B 108 -20.27 -19.05 0.97
N GLU B 109 -19.42 -19.06 2.00
CA GLU B 109 -18.29 -18.14 2.11
C GLU B 109 -18.76 -16.68 2.06
N VAL B 110 -19.79 -16.37 2.83
CA VAL B 110 -20.37 -15.03 2.82
C VAL B 110 -19.43 -13.97 3.36
N GLY B 111 -18.33 -14.36 4.01
CA GLY B 111 -17.38 -13.38 4.49
C GLY B 111 -16.66 -12.63 3.37
N MET B 112 -16.51 -13.28 2.21
CA MET B 112 -15.91 -12.66 1.03
C MET B 112 -16.93 -11.99 0.12
N VAL B 113 -18.20 -11.97 0.51
CA VAL B 113 -19.24 -11.31 -0.26
C VAL B 113 -19.26 -9.85 0.14
N ARG B 114 -18.93 -8.97 -0.80
CA ARG B 114 -18.89 -7.54 -0.49
C ARG B 114 -20.31 -7.00 -0.33
N VAL B 115 -20.41 -5.91 0.44
CA VAL B 115 -21.71 -5.37 0.81
C VAL B 115 -22.55 -5.04 -0.42
N ASP B 116 -21.93 -4.47 -1.45
CA ASP B 116 -22.69 -4.09 -2.64
C ASP B 116 -23.23 -5.30 -3.38
N LEU B 117 -22.51 -6.42 -3.35
CA LEU B 117 -22.99 -7.63 -4.02
C LEU B 117 -24.19 -8.22 -3.28
N LEU B 118 -24.13 -8.27 -1.95
CA LEU B 118 -25.27 -8.76 -1.18
C LEU B 118 -26.46 -7.84 -1.35
N GLU B 119 -26.24 -6.53 -1.31
CA GLU B 119 -27.31 -5.57 -1.54
C GLU B 119 -27.91 -5.73 -2.93
N ALA B 120 -27.09 -6.09 -3.92
CA ALA B 120 -27.60 -6.29 -5.27
C ALA B 120 -28.40 -7.58 -5.38
N MET B 121 -28.09 -8.59 -4.56
CA MET B 121 -28.92 -9.80 -4.56
C MET B 121 -30.30 -9.52 -3.99
N ASP B 122 -30.35 -8.76 -2.90
CA ASP B 122 -31.64 -8.36 -2.33
C ASP B 122 -32.50 -7.65 -3.36
N TRP B 123 -31.93 -6.64 -4.04
CA TRP B 123 -32.71 -5.85 -4.98
C TRP B 123 -33.11 -6.66 -6.20
N ALA B 124 -32.22 -7.52 -6.70
CA ALA B 124 -32.53 -8.33 -7.87
C ALA B 124 -33.69 -9.28 -7.59
N LEU B 125 -33.72 -9.90 -6.40
CA LEU B 125 -34.81 -10.79 -6.06
C LEU B 125 -36.12 -10.03 -5.86
N ARG B 126 -36.06 -8.85 -5.25
CA ARG B 126 -37.26 -8.07 -5.00
C ARG B 126 -37.94 -7.65 -6.29
N LYS B 127 -37.17 -7.13 -7.25
CA LYS B 127 -37.75 -6.58 -8.47
C LYS B 127 -38.21 -7.68 -9.44
N THR B 128 -37.46 -8.78 -9.51
CA THR B 128 -37.87 -9.87 -10.39
C THR B 128 -39.15 -10.51 -9.90
N ARG B 129 -39.26 -10.73 -8.60
CA ARG B 129 -40.44 -11.37 -8.03
C ARG B 129 -41.50 -10.37 -7.59
N LYS B 130 -41.27 -9.07 -7.81
CA LYS B 130 -42.26 -8.02 -7.57
C LYS B 130 -42.76 -8.01 -6.12
N ARG B 131 -41.80 -8.07 -5.19
CA ARG B 131 -42.02 -8.14 -3.75
C ARG B 131 -41.13 -7.13 -3.03
N LEU B 132 -41.11 -5.90 -3.54
CA LEU B 132 -40.11 -4.90 -3.17
C LEU B 132 -40.14 -4.49 -1.70
N GLU B 133 -41.11 -4.94 -0.91
CA GLU B 133 -41.17 -4.57 0.50
C GLU B 133 -40.61 -5.65 1.42
N GLU B 134 -40.24 -6.82 0.87
CA GLU B 134 -39.72 -7.92 1.66
C GLU B 134 -38.28 -8.19 1.30
N PRO B 135 -37.40 -8.36 2.29
CA PRO B 135 -35.98 -8.62 1.98
C PRO B 135 -35.83 -9.88 1.14
N PHE B 136 -34.99 -9.77 0.10
CA PHE B 136 -34.70 -10.86 -0.83
C PHE B 136 -35.96 -11.40 -1.51
N GLY B 137 -37.04 -10.63 -1.55
CA GLY B 137 -38.26 -11.07 -2.20
C GLY B 137 -38.89 -12.29 -1.58
N GLY B 138 -38.75 -12.46 -0.27
CA GLY B 138 -39.32 -13.60 0.44
C GLY B 138 -38.54 -14.89 0.32
N VAL B 139 -37.53 -14.94 -0.55
CA VAL B 139 -36.63 -16.10 -0.59
C VAL B 139 -35.92 -16.24 0.75
N LYS B 140 -35.93 -17.45 1.30
CA LYS B 140 -35.24 -17.70 2.55
C LYS B 140 -33.76 -17.87 2.26
N VAL B 141 -32.92 -17.06 2.90
CA VAL B 141 -31.49 -17.03 2.61
C VAL B 141 -30.76 -17.79 3.70
N LEU B 142 -29.84 -18.67 3.28
CA LEU B 142 -29.02 -19.46 4.20
C LEU B 142 -27.56 -19.09 3.92
N LEU B 143 -27.00 -18.24 4.78
CA LEU B 143 -25.63 -17.77 4.64
C LEU B 143 -24.70 -18.60 5.50
N LEU B 144 -23.51 -18.89 4.96
CA LEU B 144 -22.49 -19.65 5.68
C LEU B 144 -21.13 -19.06 5.38
N GLY B 145 -20.27 -18.99 6.39
CA GLY B 145 -18.94 -18.44 6.19
C GLY B 145 -18.25 -18.14 7.50
N ASP B 146 -17.19 -17.35 7.42
CA ASP B 146 -16.37 -17.00 8.58
C ASP B 146 -15.76 -15.63 8.35
N THR B 147 -16.08 -14.66 9.22
CA THR B 147 -15.56 -13.31 9.10
C THR B 147 -14.11 -13.20 9.55
N ARG B 148 -13.57 -14.20 10.24
CA ARG B 148 -12.16 -14.23 10.58
C ARG B 148 -11.29 -14.60 9.39
N GLN B 149 -11.90 -15.07 8.31
CA GLN B 149 -11.21 -15.38 7.07
C GLN B 149 -11.20 -14.14 6.18
N LEU B 150 -10.80 -14.30 4.93
CA LEU B 150 -10.48 -13.17 4.07
C LEU B 150 -11.65 -12.19 3.95
N GLU B 151 -11.34 -10.90 4.06
CA GLU B 151 -12.30 -9.83 3.89
C GLU B 151 -12.59 -9.63 2.40
N PRO B 152 -13.70 -8.97 2.06
CA PRO B 152 -14.01 -8.71 0.65
C PRO B 152 -12.96 -7.83 -0.01
N VAL B 153 -12.80 -8.02 -1.32
CA VAL B 153 -11.81 -7.30 -2.10
C VAL B 153 -12.35 -5.92 -2.45
N VAL B 154 -11.60 -4.88 -2.10
CA VAL B 154 -12.04 -3.49 -2.27
C VAL B 154 -10.91 -2.65 -2.87
N PRO B 155 -10.97 -2.32 -4.16
CA PRO B 155 -9.94 -1.45 -4.74
C PRO B 155 -10.04 -0.03 -4.18
N GLY B 156 -8.98 0.74 -4.40
CA GLY B 156 -8.81 1.98 -3.66
C GLY B 156 -9.06 3.31 -4.34
N GLY B 157 -9.92 3.34 -5.35
CA GLY B 157 -10.24 4.62 -5.98
C GLY B 157 -11.50 5.24 -5.41
N GLU B 158 -12.29 5.85 -6.29
CA GLU B 158 -13.61 6.34 -5.90
C GLU B 158 -14.55 5.19 -5.52
N GLU B 159 -14.21 3.96 -5.92
CA GLU B 159 -15.04 2.81 -5.57
C GLU B 159 -15.05 2.57 -4.06
N ALA B 160 -13.88 2.70 -3.41
CA ALA B 160 -13.80 2.54 -1.96
C ALA B 160 -14.51 3.67 -1.25
N LEU B 161 -14.40 4.89 -1.80
CA LEU B 161 -15.09 6.04 -1.20
C LEU B 161 -16.60 5.86 -1.27
N TYR B 162 -17.10 5.28 -2.36
CA TYR B 162 -18.53 5.05 -2.49
C TYR B 162 -19.02 4.02 -1.47
N ILE B 163 -18.23 2.95 -1.25
CA ILE B 163 -18.61 1.94 -0.27
C ILE B 163 -18.70 2.55 1.12
N ALA B 164 -17.73 3.40 1.48
CA ALA B 164 -17.75 4.04 2.79
C ALA B 164 -18.94 4.97 2.94
N ARG B 165 -19.22 5.76 1.90
CA ARG B 165 -20.31 6.72 1.98
C ARG B 165 -21.66 6.03 2.01
N THR B 166 -21.82 4.94 1.27
CA THR B 166 -23.13 4.31 1.14
C THR B 166 -23.43 3.36 2.29
N TRP B 167 -22.45 2.57 2.70
CA TRP B 167 -22.66 1.53 3.71
C TRP B 167 -21.80 1.68 4.96
N GLY B 168 -20.80 2.54 4.96
CA GLY B 168 -19.90 2.66 6.08
C GLY B 168 -18.88 1.55 6.21
N GLY B 169 -18.93 0.55 5.34
CA GLY B 169 -17.99 -0.54 5.34
C GLY B 169 -18.28 -1.52 4.22
N PRO B 170 -17.31 -2.39 3.92
CA PRO B 170 -17.48 -3.34 2.81
C PRO B 170 -18.02 -4.70 3.18
N PHE B 171 -18.20 -4.99 4.47
CA PHE B 171 -18.59 -6.33 4.89
C PHE B 171 -20.07 -6.58 4.63
N PHE B 172 -20.41 -7.87 4.49
CA PHE B 172 -21.78 -8.24 4.15
C PHE B 172 -22.75 -7.88 5.25
N PHE B 173 -22.31 -7.90 6.51
CA PHE B 173 -23.21 -7.58 7.61
C PHE B 173 -23.51 -6.09 7.72
N GLN B 174 -22.90 -5.25 6.88
CA GLN B 174 -23.17 -3.83 6.87
C GLN B 174 -24.18 -3.43 5.80
N ALA B 175 -24.80 -4.42 5.16
CA ALA B 175 -25.85 -4.14 4.18
C ALA B 175 -27.12 -3.64 4.87
N HIS B 176 -27.88 -2.82 4.15
CA HIS B 176 -29.09 -2.24 4.70
C HIS B 176 -30.24 -3.23 4.81
N VAL B 177 -30.12 -4.41 4.23
CA VAL B 177 -31.17 -5.42 4.36
C VAL B 177 -31.33 -5.87 5.80
N TRP B 178 -30.29 -5.76 6.62
CA TRP B 178 -30.36 -6.24 7.99
C TRP B 178 -31.06 -5.26 8.92
N GLU B 179 -31.37 -4.05 8.44
CA GLU B 179 -32.28 -3.18 9.17
C GLU B 179 -33.72 -3.64 9.04
N GLU B 180 -34.05 -4.32 7.95
CA GLU B 180 -35.40 -4.79 7.68
C GLU B 180 -35.66 -6.19 8.21
N VAL B 181 -34.65 -7.06 8.22
CA VAL B 181 -34.81 -8.44 8.65
C VAL B 181 -33.68 -8.79 9.61
N ALA B 182 -33.99 -9.61 10.61
CA ALA B 182 -33.01 -10.07 11.59
C ALA B 182 -32.37 -11.36 11.09
N LEU B 183 -31.04 -11.35 10.98
CA LEU B 183 -30.29 -12.56 10.68
C LEU B 183 -29.84 -13.18 12.00
N ARG B 184 -30.32 -14.39 12.28
CA ARG B 184 -29.98 -15.08 13.50
C ARG B 184 -29.04 -16.25 13.19
N VAL B 185 -28.12 -16.50 14.11
CA VAL B 185 -26.87 -17.19 13.84
C VAL B 185 -26.85 -18.54 14.56
N HIS B 186 -26.54 -19.59 13.81
CA HIS B 186 -26.27 -20.91 14.37
C HIS B 186 -24.78 -21.23 14.15
N ARG B 187 -24.06 -21.43 15.25
CA ARG B 187 -22.61 -21.55 15.19
C ARG B 187 -22.16 -23.01 15.30
N LEU B 188 -21.03 -23.30 14.66
CA LEU B 188 -20.38 -24.59 14.78
C LEU B 188 -19.02 -24.40 15.45
N TRP B 189 -18.62 -25.40 16.23
CA TRP B 189 -17.39 -25.29 17.01
C TRP B 189 -16.41 -26.42 16.76
N GLU B 190 -16.92 -27.62 16.49
CA GLU B 190 -16.07 -28.80 16.43
C GLU B 190 -15.30 -28.83 15.11
N SER B 191 -13.99 -28.97 15.21
CA SER B 191 -13.15 -29.10 14.03
C SER B 191 -13.40 -30.45 13.36
N GLN B 192 -13.54 -30.42 12.03
CA GLN B 192 -13.67 -31.64 11.25
C GLN B 192 -12.49 -31.90 10.32
N ARG B 193 -11.85 -30.85 9.82
CA ARG B 193 -10.70 -31.04 8.96
C ARG B 193 -9.46 -31.46 9.74
N GLN B 194 -9.31 -30.94 10.96
CA GLN B 194 -8.20 -31.28 11.84
C GLN B 194 -8.64 -32.17 13.01
N ARG B 195 -9.74 -32.92 12.85
CA ARG B 195 -10.29 -33.66 13.99
C ARG B 195 -9.46 -34.88 14.35
N GLU B 196 -8.61 -35.36 13.45
CA GLU B 196 -7.71 -36.47 13.78
C GLU B 196 -6.36 -35.98 14.28
N ASP B 197 -6.22 -34.66 14.45
CA ASP B 197 -5.08 -34.07 15.14
C ASP B 197 -5.64 -32.95 15.99
N PRO B 198 -6.08 -33.27 17.22
CA PRO B 198 -6.64 -32.22 18.07
C PRO B 198 -5.63 -31.19 18.54
N LEU B 199 -4.33 -31.51 18.50
CA LEU B 199 -3.33 -30.55 18.96
C LEU B 199 -3.04 -29.50 17.89
N PHE B 200 -3.08 -29.89 16.62
CA PHE B 200 -3.01 -28.91 15.54
C PHE B 200 -4.24 -28.01 15.54
N ALA B 201 -5.42 -28.60 15.79
CA ALA B 201 -6.66 -27.83 15.79
C ALA B 201 -6.65 -26.76 16.88
N GLU B 202 -6.09 -27.08 18.05
CA GLU B 202 -6.02 -26.06 19.09
C GLU B 202 -5.06 -24.94 18.72
N LEU B 203 -3.95 -25.26 18.04
CA LEU B 203 -3.05 -24.21 17.59
C LEU B 203 -3.74 -23.25 16.63
N LEU B 204 -4.50 -23.81 15.67
CA LEU B 204 -5.23 -22.96 14.74
C LEU B 204 -6.30 -22.14 15.46
N LYS B 205 -6.92 -22.71 16.50
CA LYS B 205 -7.91 -21.95 17.26
C LYS B 205 -7.27 -20.77 17.99
N ARG B 206 -6.07 -20.97 18.53
CA ARG B 206 -5.39 -19.87 19.21
C ARG B 206 -4.93 -18.80 18.22
N LEU B 207 -4.44 -19.23 17.06
CA LEU B 207 -4.02 -18.28 16.03
C LEU B 207 -5.20 -17.48 15.51
N ARG B 208 -6.38 -18.07 15.47
CA ARG B 208 -7.57 -17.33 15.05
C ARG B 208 -7.89 -16.22 16.04
N GLN B 209 -7.62 -16.43 17.32
CA GLN B 209 -7.78 -15.41 18.35
C GLN B 209 -6.56 -14.51 18.48
N GLY B 210 -5.57 -14.63 17.61
CA GLY B 210 -4.44 -13.74 17.63
C GLY B 210 -3.35 -14.06 18.64
N ASP B 211 -3.36 -15.24 19.24
CA ASP B 211 -2.36 -15.61 20.24
C ASP B 211 -0.95 -15.50 19.66
N PRO B 212 -0.06 -14.67 20.25
CA PRO B 212 1.31 -14.58 19.73
C PRO B 212 2.18 -15.76 20.14
N GLN B 213 1.89 -16.36 21.29
CA GLN B 213 2.66 -17.53 21.72
C GLN B 213 2.41 -18.71 20.80
N ALA B 214 1.18 -18.85 20.31
CA ALA B 214 0.86 -19.94 19.39
C ALA B 214 1.52 -19.75 18.05
N LEU B 215 1.67 -18.50 17.60
CA LEU B 215 2.34 -18.24 16.32
C LEU B 215 3.85 -18.37 16.45
N GLU B 216 4.39 -18.04 17.62
CA GLU B 216 5.80 -18.30 17.88
C GLU B 216 6.12 -19.78 17.74
N THR B 217 5.24 -20.65 18.25
CA THR B 217 5.47 -22.08 18.11
C THR B 217 5.13 -22.59 16.72
N LEU B 218 4.26 -21.89 15.99
CA LEU B 218 4.05 -22.25 14.59
C LEU B 218 5.33 -22.05 13.79
N ASN B 219 6.10 -21.00 14.11
CA ASN B 219 7.35 -20.75 13.40
C ASN B 219 8.34 -21.90 13.58
N ARG B 220 8.47 -22.42 14.81
CA ARG B 220 9.45 -23.48 15.05
C ARG B 220 9.00 -24.82 14.50
N ALA B 221 7.69 -25.02 14.31
CA ALA B 221 7.16 -26.28 13.82
C ALA B 221 7.13 -26.37 12.29
N ALA B 222 6.94 -25.26 11.59
CA ALA B 222 6.60 -25.29 10.18
C ALA B 222 7.56 -24.56 9.25
N VAL B 223 8.46 -23.73 9.75
CA VAL B 223 9.34 -22.98 8.86
C VAL B 223 10.29 -23.96 8.20
N ARG B 224 10.11 -24.15 6.89
CA ARG B 224 10.85 -25.16 6.13
C ARG B 224 10.91 -24.69 4.69
N PRO B 225 11.89 -23.84 4.35
CA PRO B 225 11.85 -23.15 3.05
C PRO B 225 11.78 -24.07 1.84
N ASP B 226 12.48 -25.21 1.85
CA ASP B 226 12.40 -26.11 0.70
C ASP B 226 11.21 -27.06 0.76
N GLY B 227 10.26 -26.82 1.65
CA GLY B 227 9.04 -27.62 1.69
C GLY B 227 8.15 -27.44 0.49
N GLY B 228 8.37 -26.40 -0.31
CA GLY B 228 7.58 -26.19 -1.51
C GLY B 228 8.06 -26.96 -2.71
N GLU B 229 9.27 -27.50 -2.66
CA GLU B 229 9.85 -28.28 -3.76
C GLU B 229 9.46 -29.75 -3.69
N GLU B 230 8.70 -30.15 -2.70
CA GLU B 230 8.34 -31.55 -2.50
C GLU B 230 7.06 -31.88 -3.27
N PRO B 231 6.91 -33.13 -3.69
CA PRO B 231 5.77 -33.49 -4.56
C PRO B 231 4.43 -33.33 -3.85
N GLY B 232 3.40 -33.20 -4.67
CA GLY B 232 2.04 -33.11 -4.16
C GLY B 232 1.77 -31.90 -3.30
N THR B 233 2.59 -30.85 -3.41
CA THR B 233 2.47 -29.68 -2.57
C THR B 233 1.94 -28.51 -3.37
N LEU B 234 0.82 -27.95 -2.94
CA LEU B 234 0.31 -26.69 -3.48
C LEU B 234 0.96 -25.54 -2.75
N ILE B 235 1.52 -24.59 -3.50
CA ILE B 235 2.10 -23.40 -2.92
C ILE B 235 1.05 -22.29 -2.89
N LEU B 236 0.98 -21.58 -1.78
CA LEU B 236 0.08 -20.44 -1.64
C LEU B 236 0.92 -19.19 -1.45
N THR B 237 0.46 -18.08 -2.03
CA THR B 237 1.15 -16.80 -1.94
C THR B 237 0.11 -15.70 -1.89
N PRO B 238 0.43 -14.54 -1.31
CA PRO B 238 -0.56 -13.46 -1.27
C PRO B 238 -0.80 -12.79 -2.62
N ARG B 239 0.18 -12.74 -3.53
CA ARG B 239 0.06 -11.97 -4.75
C ARG B 239 0.21 -12.83 -6.00
N ARG B 240 -0.41 -12.38 -7.09
CA ARG B 240 -0.34 -13.10 -8.36
C ARG B 240 1.06 -13.05 -8.95
N LYS B 241 1.72 -11.88 -8.87
CA LYS B 241 3.07 -11.76 -9.40
C LYS B 241 4.01 -12.75 -8.70
N GLU B 242 3.86 -12.90 -7.39
CA GLU B 242 4.68 -13.86 -6.67
C GLU B 242 4.37 -15.29 -7.10
N ALA B 243 3.10 -15.59 -7.39
CA ALA B 243 2.75 -16.91 -7.91
C ALA B 243 3.38 -17.15 -9.29
N ASP B 244 3.58 -16.09 -10.07
CA ASP B 244 4.19 -16.24 -11.38
C ASP B 244 5.64 -16.69 -11.26
N ALA B 245 6.41 -16.05 -10.38
CA ALA B 245 7.81 -16.42 -10.21
C ALA B 245 7.95 -17.84 -9.66
N LEU B 246 6.99 -18.27 -8.84
CA LEU B 246 7.05 -19.62 -8.27
C LEU B 246 6.63 -20.66 -9.31
N ASN B 247 5.57 -20.37 -10.06
CA ASN B 247 5.16 -21.24 -11.16
C ASN B 247 6.24 -21.32 -12.24
N LEU B 248 7.07 -20.28 -12.36
CA LEU B 248 8.06 -20.22 -13.43
C LEU B 248 9.13 -21.29 -13.26
N LYS B 249 9.60 -21.50 -12.02
CA LYS B 249 10.62 -22.51 -11.78
C LYS B 249 10.08 -23.92 -12.07
N ARG B 250 8.86 -24.20 -11.58
CA ARG B 250 8.27 -25.52 -11.79
C ARG B 250 7.98 -25.81 -13.25
N LEU B 251 7.84 -24.78 -14.09
CA LEU B 251 7.56 -25.00 -15.50
C LEU B 251 8.83 -25.36 -16.26
N GLU B 252 9.91 -24.61 -16.04
CA GLU B 252 11.19 -24.86 -16.69
C GLU B 252 11.70 -26.29 -16.49
N ALA B 253 11.17 -27.01 -15.52
CA ALA B 253 11.59 -28.38 -15.26
C ALA B 253 10.69 -29.40 -15.95
N LEU B 254 9.71 -28.95 -16.74
CA LEU B 254 9.00 -29.96 -17.52
C LEU B 254 9.67 -30.13 -18.87
N PRO B 255 9.81 -31.37 -19.35
CA PRO B 255 10.51 -31.59 -20.63
C PRO B 255 9.77 -31.05 -21.84
N GLY B 256 8.47 -30.78 -21.74
CA GLY B 256 7.68 -30.43 -22.91
C GLY B 256 8.20 -29.21 -23.66
N LYS B 257 7.66 -29.04 -24.86
CA LYS B 257 8.03 -27.95 -25.75
C LYS B 257 7.19 -26.72 -25.41
N PRO B 258 7.80 -25.62 -24.96
CA PRO B 258 7.01 -24.46 -24.51
C PRO B 258 6.39 -23.69 -25.67
N LEU B 259 5.25 -23.07 -25.39
CA LEU B 259 4.56 -22.22 -26.35
C LEU B 259 4.07 -20.97 -25.65
N GLU B 260 4.35 -19.80 -26.22
CA GLU B 260 4.00 -18.53 -25.61
C GLU B 260 2.71 -17.97 -26.23
N TYR B 261 1.86 -17.42 -25.38
CA TYR B 261 0.60 -16.80 -25.79
C TYR B 261 0.71 -15.31 -25.51
N GLN B 262 0.85 -14.52 -26.57
CA GLN B 262 0.98 -13.07 -26.45
C GLN B 262 -0.40 -12.44 -26.37
N ALA B 263 -0.62 -11.65 -25.32
CA ALA B 263 -1.89 -10.97 -25.15
C ALA B 263 -1.90 -9.67 -25.96
N GLN B 264 -3.11 -9.20 -26.24
CA GLN B 264 -3.31 -7.93 -26.92
C GLN B 264 -3.97 -6.95 -25.96
N VAL B 265 -3.28 -5.84 -25.67
CA VAL B 265 -3.77 -4.82 -24.75
C VAL B 265 -4.10 -3.57 -25.54
N LYS B 266 -5.23 -2.95 -25.22
CA LYS B 266 -5.63 -1.69 -25.83
C LYS B 266 -6.07 -0.73 -24.74
N GLY B 267 -5.97 0.56 -25.06
CA GLY B 267 -6.24 1.65 -24.13
C GLY B 267 -5.28 1.63 -22.95
N GLU B 268 -5.75 2.11 -21.81
CA GLU B 268 -4.96 2.10 -20.59
C GLU B 268 -5.38 0.88 -19.77
N PHE B 269 -4.45 -0.04 -19.59
CA PHE B 269 -4.68 -1.27 -18.85
C PHE B 269 -3.34 -1.62 -18.21
N ALA B 270 -3.18 -1.26 -16.94
CA ALA B 270 -1.88 -1.45 -16.30
C ALA B 270 -1.55 -2.93 -16.21
N GLU B 271 -0.27 -3.23 -16.35
CA GLU B 271 0.21 -4.61 -16.21
C GLU B 271 -0.16 -5.16 -14.84
N THR B 272 -0.15 -4.30 -13.80
CA THR B 272 -0.51 -4.74 -12.47
C THR B 272 -1.92 -5.32 -12.43
N ASP B 273 -2.81 -4.86 -13.31
CA ASP B 273 -4.19 -5.30 -13.32
C ASP B 273 -4.42 -6.56 -14.16
N PHE B 274 -3.39 -7.10 -14.78
CA PHE B 274 -3.57 -8.24 -15.67
C PHE B 274 -4.00 -9.48 -14.89
N PRO B 275 -5.05 -10.19 -15.31
CA PRO B 275 -5.38 -11.46 -14.67
C PRO B 275 -4.37 -12.56 -14.98
N THR B 276 -3.60 -12.40 -16.06
CA THR B 276 -2.57 -13.35 -16.44
C THR B 276 -1.44 -12.56 -17.09
N GLU B 277 -0.34 -13.25 -17.37
CA GLU B 277 0.81 -12.61 -17.99
C GLU B 277 0.50 -12.27 -19.44
N ALA B 278 1.05 -11.14 -19.90
CA ALA B 278 0.89 -10.74 -21.30
C ALA B 278 1.60 -11.70 -22.21
N ALA B 279 2.78 -12.17 -21.81
CA ALA B 279 3.52 -13.22 -22.51
C ALA B 279 3.38 -14.47 -21.64
N LEU B 280 2.37 -15.28 -21.96
CA LEU B 280 2.03 -16.48 -21.18
C LEU B 280 2.64 -17.70 -21.84
N THR B 281 3.55 -18.37 -21.12
CA THR B 281 4.21 -19.57 -21.61
C THR B 281 3.61 -20.79 -20.94
N LEU B 282 3.34 -21.82 -21.74
CA LEU B 282 2.78 -23.07 -21.25
C LEU B 282 3.51 -24.25 -21.86
N LYS B 283 3.44 -25.39 -21.17
CA LYS B 283 4.01 -26.65 -21.61
C LYS B 283 2.98 -27.75 -21.36
N LYS B 284 3.02 -28.81 -22.15
CA LYS B 284 2.05 -29.88 -21.92
C LYS B 284 2.32 -30.51 -20.55
N GLY B 285 1.24 -30.87 -19.87
CA GLY B 285 1.33 -31.42 -18.54
C GLY B 285 1.40 -30.39 -17.43
N ALA B 286 1.47 -29.11 -17.78
CA ALA B 286 1.51 -28.07 -16.77
C ALA B 286 0.17 -27.97 -16.05
N GLN B 287 0.22 -27.74 -14.74
CA GLN B 287 -0.99 -27.61 -13.95
C GLN B 287 -1.48 -26.17 -14.04
N VAL B 288 -2.78 -26.01 -14.33
CA VAL B 288 -3.33 -24.70 -14.63
C VAL B 288 -4.69 -24.54 -13.96
N ILE B 289 -5.09 -23.29 -13.80
CA ILE B 289 -6.41 -22.91 -13.31
C ILE B 289 -7.06 -22.01 -14.34
N LEU B 290 -8.34 -22.25 -14.62
CA LEU B 290 -9.08 -21.45 -15.59
C LEU B 290 -9.69 -20.23 -14.91
N LEU B 291 -9.70 -19.11 -15.64
CA LEU B 291 -10.09 -17.82 -15.07
C LEU B 291 -11.43 -17.30 -15.55
N ARG B 292 -12.07 -17.93 -16.53
CA ARG B 292 -13.33 -17.42 -17.04
C ARG B 292 -14.30 -18.57 -17.28
N ASN B 293 -15.59 -18.23 -17.28
CA ASN B 293 -16.64 -19.19 -17.48
C ASN B 293 -16.85 -19.47 -18.95
N ASP B 294 -16.99 -20.75 -19.28
CA ASP B 294 -17.23 -21.15 -20.66
C ASP B 294 -18.65 -20.78 -21.06
N PRO B 295 -18.86 -20.21 -22.24
CA PRO B 295 -20.23 -19.95 -22.69
C PRO B 295 -21.06 -21.21 -22.83
N LEU B 296 -20.48 -22.28 -23.36
CA LEU B 296 -21.20 -23.54 -23.49
C LEU B 296 -21.40 -24.26 -22.16
N GLY B 297 -20.69 -23.84 -21.10
CA GLY B 297 -20.92 -24.39 -19.78
C GLY B 297 -20.11 -25.61 -19.41
N GLU B 298 -18.99 -25.87 -20.08
CA GLU B 298 -18.21 -27.08 -19.79
C GLU B 298 -16.98 -26.82 -18.93
N TYR B 299 -16.63 -25.57 -18.67
CA TYR B 299 -15.60 -25.24 -17.69
C TYR B 299 -15.96 -23.92 -17.04
N PHE B 300 -15.47 -23.72 -15.82
CA PHE B 300 -15.81 -22.53 -15.05
C PHE B 300 -14.56 -21.90 -14.45
N ASN B 301 -14.71 -20.64 -14.04
CA ASN B 301 -13.67 -19.93 -13.32
C ASN B 301 -13.29 -20.69 -12.05
N GLY B 302 -12.04 -21.13 -11.97
CA GLY B 302 -11.56 -21.88 -10.83
C GLY B 302 -11.26 -23.34 -11.12
N ASP B 303 -11.61 -23.83 -12.31
CA ASP B 303 -11.36 -25.23 -12.65
C ASP B 303 -9.86 -25.49 -12.75
N LEU B 304 -9.37 -26.39 -11.92
CA LEU B 304 -7.98 -26.82 -12.01
C LEU B 304 -7.86 -27.88 -13.11
N GLY B 305 -6.68 -27.96 -13.71
CA GLY B 305 -6.50 -28.91 -14.79
C GLY B 305 -5.06 -29.03 -15.21
N TRP B 306 -4.84 -29.84 -16.24
CA TRP B 306 -3.54 -30.03 -16.87
C TRP B 306 -3.73 -29.93 -18.37
N VAL B 307 -2.85 -29.18 -19.02
CA VAL B 307 -2.99 -28.94 -20.45
C VAL B 307 -2.54 -30.18 -21.22
N GLU B 308 -3.26 -30.48 -22.30
CA GLU B 308 -2.96 -31.63 -23.14
C GLU B 308 -2.43 -31.26 -24.51
N ASP B 309 -2.83 -30.11 -25.06
CA ASP B 309 -2.33 -29.65 -26.35
C ASP B 309 -2.21 -28.13 -26.34
N LEU B 310 -1.29 -27.63 -27.16
CA LEU B 310 -1.00 -26.20 -27.25
C LEU B 310 -0.88 -25.82 -28.72
N GLU B 311 -1.68 -24.85 -29.15
CA GLU B 311 -1.70 -24.42 -30.54
C GLU B 311 -1.82 -22.90 -30.58
N ALA B 312 -2.08 -22.36 -31.77
CA ALA B 312 -1.95 -20.92 -32.00
C ALA B 312 -2.81 -20.09 -31.06
N GLU B 313 -4.13 -20.27 -31.12
CA GLU B 313 -5.01 -19.53 -30.23
C GLU B 313 -5.95 -20.47 -29.50
N ALA B 314 -5.51 -21.70 -29.24
CA ALA B 314 -6.37 -22.70 -28.62
C ALA B 314 -5.50 -23.75 -27.94
N LEU B 315 -5.86 -24.12 -26.72
CA LEU B 315 -5.17 -25.16 -25.99
C LEU B 315 -6.20 -26.09 -25.37
N ALA B 316 -5.76 -27.32 -25.09
CA ALA B 316 -6.60 -28.35 -24.50
C ALA B 316 -6.24 -28.52 -23.03
N VAL B 317 -7.25 -28.68 -22.18
CA VAL B 317 -7.05 -28.82 -20.74
C VAL B 317 -7.91 -29.96 -20.23
N ARG B 318 -7.31 -30.88 -19.50
CA ARG B 318 -8.01 -31.97 -18.85
C ARG B 318 -8.46 -31.52 -17.47
N LEU B 319 -9.76 -31.63 -17.20
CA LEU B 319 -10.32 -31.06 -15.99
C LEU B 319 -10.17 -32.01 -14.80
N LYS B 320 -9.81 -31.43 -13.65
CA LYS B 320 -9.77 -32.18 -12.41
C LYS B 320 -11.17 -32.50 -11.89
N ARG B 321 -12.14 -31.61 -12.17
CA ARG B 321 -13.46 -31.71 -11.56
C ARG B 321 -14.24 -32.91 -12.11
N ASN B 322 -14.15 -33.17 -13.42
CA ASN B 322 -14.89 -34.28 -13.99
C ASN B 322 -14.09 -35.12 -14.97
N GLY B 323 -12.77 -34.99 -15.00
CA GLY B 323 -11.97 -35.77 -15.93
C GLY B 323 -12.22 -35.48 -17.40
N ARG B 324 -13.00 -34.46 -17.72
CA ARG B 324 -13.33 -34.16 -19.10
C ARG B 324 -12.25 -33.29 -19.74
N ARG B 325 -12.30 -33.21 -21.07
CA ARG B 325 -11.34 -32.47 -21.87
C ARG B 325 -12.03 -31.23 -22.43
N VAL B 326 -11.39 -30.07 -22.28
CA VAL B 326 -11.92 -28.81 -22.76
C VAL B 326 -10.82 -28.08 -23.53
N VAL B 327 -11.24 -27.21 -24.44
CA VAL B 327 -10.34 -26.43 -25.27
C VAL B 327 -10.56 -24.95 -24.94
N ILE B 328 -9.46 -24.22 -24.73
CA ILE B 328 -9.48 -22.86 -24.23
C ILE B 328 -9.09 -21.91 -25.36
N ARG B 329 -9.91 -20.87 -25.56
CA ARG B 329 -9.68 -19.84 -26.55
C ARG B 329 -9.69 -18.47 -25.87
N PRO B 330 -9.08 -17.44 -26.49
CA PRO B 330 -8.89 -16.17 -25.78
C PRO B 330 -10.19 -15.49 -25.38
N PHE B 331 -10.14 -14.82 -24.23
CA PHE B 331 -11.25 -14.02 -23.71
C PHE B 331 -10.80 -12.56 -23.62
N VAL B 332 -11.77 -11.67 -23.47
CA VAL B 332 -11.52 -10.23 -23.36
C VAL B 332 -11.89 -9.79 -21.95
N TRP B 333 -10.99 -9.06 -21.30
CA TRP B 333 -11.24 -8.43 -20.01
C TRP B 333 -11.35 -6.93 -20.19
N GLU B 334 -12.30 -6.31 -19.50
CA GLU B 334 -12.47 -4.87 -19.53
C GLU B 334 -11.85 -4.23 -18.30
N LYS B 335 -11.31 -3.02 -18.48
CA LYS B 335 -10.77 -2.23 -17.37
C LYS B 335 -11.73 -1.09 -17.09
N ILE B 336 -12.45 -1.19 -15.97
CA ILE B 336 -13.40 -0.17 -15.54
C ILE B 336 -12.74 0.77 -14.55
N VAL B 337 -12.89 2.07 -14.79
CA VAL B 337 -12.51 3.09 -13.81
C VAL B 337 -13.75 3.91 -13.49
N TYR B 338 -13.72 4.57 -12.34
CA TYR B 338 -14.87 5.31 -11.83
C TYR B 338 -14.48 6.77 -11.64
N THR B 339 -15.20 7.66 -12.32
CA THR B 339 -14.97 9.09 -12.23
C THR B 339 -16.08 9.75 -11.44
N TYR B 340 -15.74 10.85 -10.78
CA TYR B 340 -16.66 11.59 -9.93
C TYR B 340 -17.06 12.87 -10.62
N ASP B 341 -18.38 13.07 -10.82
CA ASP B 341 -18.87 14.34 -11.34
C ASP B 341 -18.90 15.36 -10.20
N SER B 342 -18.28 16.52 -10.43
CA SER B 342 -18.04 17.53 -9.41
C SER B 342 -19.34 18.10 -8.85
N GLU B 343 -20.28 18.46 -9.73
CA GLU B 343 -21.55 19.06 -9.34
C GLU B 343 -22.58 17.97 -9.10
N ARG B 344 -22.77 17.14 -10.12
CA ARG B 344 -23.66 15.98 -10.11
C ARG B 344 -23.02 14.85 -9.33
N GLU B 345 -23.26 14.83 -8.01
CA GLU B 345 -22.42 14.07 -7.08
C GLU B 345 -22.70 12.59 -7.26
N GLU B 346 -22.29 12.07 -8.41
CA GLU B 346 -22.55 10.70 -8.83
C GLU B 346 -21.24 10.06 -9.30
N ILE B 347 -21.12 8.77 -9.02
CA ILE B 347 -20.07 7.95 -9.60
C ILE B 347 -20.60 7.36 -10.90
N LYS B 348 -19.74 7.29 -11.92
CA LYS B 348 -20.15 6.69 -13.19
C LYS B 348 -19.03 5.81 -13.74
N PRO B 349 -19.31 4.54 -14.06
CA PRO B 349 -18.28 3.66 -14.60
C PRO B 349 -17.94 4.01 -16.04
N GLN B 350 -16.70 3.68 -16.43
CA GLN B 350 -16.21 3.92 -17.77
C GLN B 350 -15.16 2.88 -18.10
N VAL B 351 -15.23 2.36 -19.33
CA VAL B 351 -14.27 1.36 -19.81
C VAL B 351 -13.12 2.12 -20.47
N VAL B 352 -11.89 1.85 -20.02
CA VAL B 352 -10.72 2.57 -20.50
C VAL B 352 -9.70 1.66 -21.16
N GLY B 353 -9.92 0.35 -21.16
CA GLY B 353 -8.97 -0.53 -21.80
C GLY B 353 -9.47 -1.97 -21.81
N THR B 354 -8.85 -2.76 -22.67
CA THR B 354 -9.20 -4.17 -22.80
C THR B 354 -7.93 -5.01 -22.80
N PHE B 355 -8.10 -6.28 -22.43
CA PHE B 355 -7.03 -7.25 -22.36
C PHE B 355 -7.55 -8.54 -22.95
N ARG B 356 -6.81 -9.13 -23.89
CA ARG B 356 -7.25 -10.33 -24.59
C ARG B 356 -6.18 -11.40 -24.48
N GLN B 357 -6.54 -12.53 -23.88
CA GLN B 357 -5.60 -13.61 -23.62
C GLN B 357 -6.40 -14.85 -23.28
N VAL B 358 -5.77 -16.01 -23.41
CA VAL B 358 -6.43 -17.25 -22.98
C VAL B 358 -6.57 -17.23 -21.46
N PRO B 359 -7.73 -17.55 -20.92
CA PRO B 359 -7.96 -17.45 -19.45
C PRO B 359 -7.38 -18.63 -18.68
N VAL B 360 -6.05 -18.66 -18.56
CA VAL B 360 -5.35 -19.79 -17.96
C VAL B 360 -4.15 -19.27 -17.19
N ARG B 361 -4.03 -19.69 -15.93
CA ARG B 361 -2.88 -19.41 -15.09
C ARG B 361 -2.20 -20.72 -14.70
N LEU B 362 -0.87 -20.70 -14.63
CA LEU B 362 -0.17 -21.82 -14.03
C LEU B 362 -0.62 -21.94 -12.57
N ALA B 363 -0.78 -23.18 -12.10
CA ALA B 363 -1.50 -23.39 -10.84
C ALA B 363 -0.74 -24.24 -9.84
N TRP B 364 0.59 -24.28 -9.92
CA TRP B 364 1.34 -24.88 -8.81
C TRP B 364 1.36 -23.95 -7.62
N ALA B 365 1.39 -22.65 -7.86
CA ALA B 365 1.23 -21.63 -6.83
C ALA B 365 -0.04 -20.83 -7.12
N LEU B 366 -0.81 -20.55 -6.08
CA LEU B 366 -2.03 -19.77 -6.22
C LEU B 366 -2.08 -18.69 -5.14
N THR B 367 -2.95 -17.71 -5.36
CA THR B 367 -3.23 -16.73 -4.32
C THR B 367 -4.05 -17.39 -3.21
N VAL B 368 -3.91 -16.86 -2.00
CA VAL B 368 -4.68 -17.39 -0.87
C VAL B 368 -6.18 -17.24 -1.13
N HIS B 369 -6.57 -16.18 -1.83
CA HIS B 369 -7.99 -15.95 -2.10
C HIS B 369 -8.60 -17.10 -2.91
N LYS B 370 -7.82 -17.67 -3.82
CA LYS B 370 -8.28 -18.80 -4.61
C LYS B 370 -8.27 -20.11 -3.85
N ALA B 371 -7.76 -20.12 -2.61
CA ALA B 371 -7.68 -21.34 -1.82
C ALA B 371 -8.75 -21.42 -0.74
N GLN B 372 -9.38 -20.31 -0.38
CA GLN B 372 -10.35 -20.31 0.72
C GLN B 372 -11.52 -21.23 0.42
N GLY B 373 -11.72 -22.22 1.29
CA GLY B 373 -12.77 -23.21 1.16
C GLY B 373 -12.30 -24.58 0.75
N LEU B 374 -11.11 -24.66 0.15
CA LEU B 374 -10.57 -25.95 -0.27
C LEU B 374 -9.91 -26.67 0.90
N THR B 375 -9.96 -28.01 0.85
CA THR B 375 -9.24 -28.86 1.77
C THR B 375 -8.07 -29.48 1.01
N LEU B 376 -6.86 -29.07 1.35
CA LEU B 376 -5.67 -29.48 0.63
C LEU B 376 -4.87 -30.48 1.45
N ASP B 377 -4.07 -31.27 0.75
CA ASP B 377 -3.28 -32.32 1.37
C ASP B 377 -1.90 -31.86 1.81
N LYS B 378 -1.34 -30.85 1.15
CA LYS B 378 -0.04 -30.33 1.52
C LYS B 378 0.05 -28.89 1.01
N VAL B 379 0.43 -27.97 1.90
CA VAL B 379 0.50 -26.55 1.58
C VAL B 379 1.85 -26.01 2.01
N HIS B 380 2.51 -25.26 1.12
CA HIS B 380 3.68 -24.46 1.47
C HIS B 380 3.33 -23.01 1.17
N LEU B 381 3.15 -22.21 2.22
CA LEU B 381 2.82 -20.81 2.06
C LEU B 381 4.11 -20.02 1.88
N GLU B 382 4.28 -19.41 0.71
CA GLU B 382 5.37 -18.50 0.47
C GLU B 382 4.85 -17.09 0.74
N LEU B 383 5.41 -16.42 1.75
CA LEU B 383 4.87 -15.15 2.18
C LEU B 383 5.22 -14.01 1.23
N GLY B 384 6.26 -14.17 0.39
CA GLY B 384 6.61 -13.09 -0.51
C GLY B 384 6.95 -11.85 0.27
N ARG B 385 6.35 -10.71 -0.12
CA ARG B 385 6.59 -9.45 0.56
C ARG B 385 5.57 -9.15 1.65
N GLY B 386 4.93 -10.17 2.20
CA GLY B 386 4.09 -10.01 3.37
C GLY B 386 2.62 -10.17 3.03
N LEU B 387 1.82 -10.37 4.09
CA LEU B 387 0.37 -10.40 3.99
C LEU B 387 -0.17 -8.98 3.88
N PHE B 388 -1.34 -8.86 3.24
CA PHE B 388 -1.97 -7.55 3.10
C PHE B 388 -3.47 -7.56 3.39
N ALA B 389 -4.06 -8.71 3.70
CA ALA B 389 -5.50 -8.82 3.87
C ALA B 389 -5.83 -9.46 5.21
N HIS B 390 -6.88 -8.96 5.85
CA HIS B 390 -7.37 -9.56 7.08
C HIS B 390 -7.88 -10.97 6.78
N GLY B 391 -7.48 -11.93 7.62
CA GLY B 391 -7.86 -13.30 7.44
C GLY B 391 -6.98 -14.10 6.50
N GLN B 392 -5.99 -13.45 5.87
CA GLN B 392 -5.19 -14.13 4.85
C GLN B 392 -4.34 -15.23 5.46
N LEU B 393 -3.63 -14.93 6.55
CA LEU B 393 -2.80 -15.95 7.19
C LEU B 393 -3.64 -17.10 7.70
N TYR B 394 -4.79 -16.79 8.31
CA TYR B 394 -5.63 -17.85 8.88
C TYR B 394 -6.13 -18.80 7.80
N VAL B 395 -6.52 -18.27 6.64
CA VAL B 395 -6.97 -19.12 5.55
C VAL B 395 -5.85 -20.03 5.08
N ALA B 396 -4.66 -19.47 4.87
CA ALA B 396 -3.54 -20.24 4.34
C ALA B 396 -3.12 -21.37 5.28
N LEU B 397 -3.25 -21.17 6.59
CA LEU B 397 -2.81 -22.14 7.57
C LEU B 397 -3.82 -23.26 7.83
N THR B 398 -5.07 -23.11 7.41
CA THR B 398 -6.13 -24.02 7.80
C THR B 398 -6.62 -24.90 6.65
N ARG B 399 -5.86 -25.00 5.56
CA ARG B 399 -6.27 -25.85 4.45
C ARG B 399 -5.96 -27.32 4.67
N VAL B 400 -4.98 -27.63 5.53
CA VAL B 400 -4.49 -28.98 5.69
C VAL B 400 -5.10 -29.62 6.93
N ARG B 401 -4.96 -30.94 7.04
CA ARG B 401 -5.57 -31.70 8.13
C ARG B 401 -4.65 -31.84 9.34
N ARG B 402 -3.35 -32.05 9.12
CA ARG B 402 -2.39 -32.15 10.21
C ARG B 402 -1.20 -31.26 9.93
N LEU B 403 -0.57 -30.78 11.02
CA LEU B 403 0.59 -29.89 10.91
C LEU B 403 1.68 -30.47 10.02
N GLN B 404 1.77 -31.80 9.96
CA GLN B 404 2.73 -32.46 9.06
C GLN B 404 2.59 -31.97 7.63
N ASP B 405 1.37 -31.61 7.22
CA ASP B 405 1.06 -31.23 5.84
C ASP B 405 1.34 -29.76 5.54
N LEU B 406 1.91 -29.00 6.48
CA LEU B 406 2.05 -27.56 6.32
C LEU B 406 3.48 -27.12 6.52
N SER B 407 3.94 -26.19 5.68
CA SER B 407 5.27 -25.60 5.79
C SER B 407 5.20 -24.14 5.39
N LEU B 408 6.11 -23.35 5.94
CA LEU B 408 6.19 -21.92 5.68
C LEU B 408 7.55 -21.57 5.10
N SER B 409 7.60 -20.44 4.40
CA SER B 409 8.85 -20.02 3.79
C SER B 409 9.75 -19.28 4.77
N ARG B 410 9.17 -18.63 5.78
CA ARG B 410 9.93 -17.88 6.76
C ARG B 410 9.06 -17.68 7.99
N PRO B 411 9.65 -17.36 9.14
CA PRO B 411 8.83 -17.09 10.33
C PRO B 411 7.98 -15.83 10.15
N ILE B 412 6.90 -15.77 10.93
CA ILE B 412 5.96 -14.68 10.91
C ILE B 412 6.01 -13.96 12.25
N ALA B 413 5.87 -12.64 12.23
CA ALA B 413 5.81 -11.82 13.43
C ALA B 413 4.37 -11.44 13.74
N PRO B 414 4.03 -11.28 15.03
CA PRO B 414 2.66 -10.87 15.36
C PRO B 414 2.27 -9.52 14.78
N THR B 415 3.23 -8.63 14.58
CA THR B 415 2.99 -7.32 13.99
C THR B 415 2.68 -7.38 12.51
N GLU B 416 2.74 -8.57 11.89
CA GLU B 416 2.48 -8.74 10.47
C GLU B 416 1.00 -8.91 10.15
N LEU B 417 0.14 -9.11 11.16
CA LEU B 417 -1.23 -9.52 10.92
C LEU B 417 -2.16 -8.31 10.97
N LEU B 418 -3.33 -8.47 10.34
CA LEU B 418 -4.28 -7.38 10.15
C LEU B 418 -5.61 -7.71 10.80
N TRP B 419 -6.09 -6.83 11.66
CA TRP B 419 -7.35 -7.02 12.39
C TRP B 419 -8.32 -5.91 12.02
N ARG B 420 -9.44 -6.28 11.42
CA ARG B 420 -10.50 -5.29 11.18
C ARG B 420 -11.37 -5.19 12.43
N PRO B 421 -11.61 -3.98 12.95
CA PRO B 421 -12.43 -3.87 14.18
C PRO B 421 -13.91 -4.12 13.94
N GLU B 422 -14.40 -3.90 12.72
CA GLU B 422 -15.81 -4.15 12.45
C GLU B 422 -16.15 -5.63 12.60
N VAL B 423 -15.22 -6.52 12.28
CA VAL B 423 -15.50 -7.95 12.34
C VAL B 423 -15.64 -8.42 13.79
N GLU B 424 -14.75 -7.96 14.66
CA GLU B 424 -14.83 -8.33 16.07
C GLU B 424 -16.08 -7.74 16.72
N VAL B 425 -16.37 -6.46 16.45
CA VAL B 425 -17.66 -5.89 16.84
C VAL B 425 -18.79 -6.80 16.37
N PHE B 426 -18.73 -7.19 15.09
CA PHE B 426 -19.65 -8.19 14.57
C PHE B 426 -19.59 -9.48 15.40
N GLU B 427 -18.40 -10.07 15.53
CA GLU B 427 -18.24 -11.33 16.25
C GLU B 427 -18.71 -11.24 17.71
N THR B 428 -18.54 -10.08 18.34
CA THR B 428 -18.96 -9.94 19.73
C THR B 428 -20.46 -9.74 19.88
N ARG B 429 -21.12 -9.09 18.92
CA ARG B 429 -22.56 -8.88 19.00
C ARG B 429 -23.33 -10.09 18.46
N ILE B 430 -22.63 -11.21 18.34
CA ILE B 430 -23.17 -12.42 17.71
C ILE B 430 -23.12 -13.63 18.62
N GLN B 431 -22.34 -13.58 19.70
CA GLN B 431 -22.48 -14.64 20.69
C GLN B 431 -23.65 -14.25 21.59
N GLU B 432 -24.77 -13.97 20.93
CA GLU B 432 -26.10 -13.95 21.49
C GLU B 432 -27.09 -14.70 20.61
N GLY B 433 -26.76 -14.95 19.34
CA GLY B 433 -27.63 -15.66 18.44
C GLY B 433 -28.30 -14.84 17.34
N ILE B 434 -28.08 -13.52 17.30
CA ILE B 434 -28.80 -12.67 16.34
C ILE B 434 -27.99 -11.42 16.00
N TRP B 435 -28.10 -10.97 14.75
CA TRP B 435 -27.54 -9.70 14.30
C TRP B 435 -28.65 -8.89 13.64
N GLN B 436 -28.90 -7.70 14.16
CA GLN B 436 -29.88 -6.79 13.57
C GLN B 436 -29.29 -5.39 13.54
N LYS B 437 -29.15 -4.83 12.34
CA LYS B 437 -28.67 -3.47 12.18
C LYS B 437 -29.77 -2.49 12.56
N SER B 438 -29.40 -1.44 13.29
CA SER B 438 -30.36 -0.49 13.82
C SER B 438 -30.26 0.85 13.10
N HIS B 439 -31.28 1.68 13.32
CA HIS B 439 -31.41 3.01 12.72
C HIS B 439 -31.08 3.03 11.23
PB ADP E . 17.43 26.69 -4.60
O1B ADP E . 18.91 27.04 -4.56
O2B ADP E . 17.17 25.32 -5.17
O3B ADP E . 16.66 27.01 -3.35
PA ADP E . 15.40 27.59 -6.39
O1A ADP E . 15.62 26.99 -7.76
O2A ADP E . 14.43 26.98 -5.41
O3A ADP E . 16.84 27.74 -5.67
O5' ADP E . 15.00 29.13 -6.61
C5' ADP E . 14.02 29.74 -5.78
C4' ADP E . 13.17 30.68 -6.62
O4' ADP E . 14.02 31.45 -7.48
C3' ADP E . 12.24 29.88 -7.49
O3' ADP E . 10.90 30.32 -7.26
C2' ADP E . 12.67 30.17 -8.92
O2' ADP E . 11.52 30.42 -9.75
C1' ADP E . 13.54 31.41 -8.82
N9 ADP E . 14.68 31.37 -9.76
C8 ADP E . 15.77 30.58 -9.68
N7 ADP E . 16.63 30.82 -10.71
C5 ADP E . 16.08 31.78 -11.47
C6 ADP E . 16.46 32.50 -12.71
N6 ADP E . 17.61 32.24 -13.35
N1 ADP E . 15.60 33.44 -13.18
C2 ADP E . 14.44 33.72 -12.55
N3 ADP E . 14.04 33.10 -11.42
C4 ADP E . 14.80 32.14 -10.85
MG MG F . 15.77 23.58 -4.31
V VO4 G . 16.87 25.40 -1.05
O1 VO4 G . 15.93 27.05 -0.78
O2 VO4 G . 18.72 25.76 -1.37
O3 VO4 G . 16.67 24.32 0.51
O4 VO4 G . 16.16 24.47 -2.55
PB ADP H . -15.76 -25.69 6.36
O1B ADP H . -14.28 -25.50 6.16
O2B ADP H . -16.28 -25.16 7.69
O3B ADP H . -16.61 -25.27 5.18
PA ADP H . -15.63 -28.28 5.23
O1A ADP H . -14.74 -27.55 4.26
O2A ADP H . -16.95 -28.88 4.77
O3A ADP H . -15.93 -27.28 6.46
O5' ADP H . -14.78 -29.45 5.92
C5' ADP H . -13.54 -29.85 5.35
C4' ADP H . -13.28 -31.32 5.61
O4' ADP H . -13.97 -31.77 6.78
C3' ADP H . -13.78 -32.17 4.45
O3' ADP H . -12.68 -32.86 3.86
C2' ADP H . -14.74 -33.17 5.05
O2' ADP H . -14.40 -34.50 4.61
C1' ADP H . -14.55 -33.05 6.55
N9 ADP H . -15.84 -33.17 7.29
C8 ADP H . -16.67 -32.16 7.57
N7 ADP H . -17.75 -32.60 8.27
C5 ADP H . -17.60 -33.93 8.44
C6 ADP H . -18.37 -35.02 9.09
N6 ADP H . -19.55 -34.76 9.72
N1 ADP H . -17.86 -36.27 9.05
C2 ADP H . -16.69 -36.53 8.43
N3 ADP H . -15.94 -35.59 7.82
C4 ADP H . -16.33 -34.30 7.80
MG MG I . -16.73 -23.73 3.07
V VO4 J . -13.52 -22.89 5.05
O1 VO4 J . -12.72 -21.43 4.12
O2 VO4 J . -12.12 -23.90 5.85
O3 VO4 J . -14.70 -22.21 6.39
O4 VO4 J . -14.50 -23.96 3.81
#